data_3SGH
#
_entry.id   3SGH
#
_cell.length_a   94.586
_cell.length_b   173.545
_cell.length_c   59.215
_cell.angle_alpha   90.000
_cell.angle_beta   90.000
_cell.angle_gamma   90.000
#
_symmetry.space_group_name_H-M   'P 21 21 2'
#
loop_
_entity.id
_entity.type
_entity.pdbx_description
1 polymer 'SusD homolog'
2 non-polymer 'CHLORIDE ION'
3 water water
#
_entity_poly.entity_id   1
_entity_poly.type   'polypeptide(L)'
_entity_poly.pdbx_seq_one_letter_code
;GFEDFNTNPYQPSKVPASNLLST(MSE)FNVYACPQQNACQEINC(MSE)WASFSGQVTATANWSFGKNIFAYYNASEGH
NDSSWGRLYGYIYPSFFLVENSTEKKGVIYA(MSE)AQLTRVYG(MSE)QLLASLQGPIPYTQ(MSE)KAGETEAPYDNE
QTVWHA(MSE)FDDLDNAITILKSAATFGVNQDLAVVDQFYKGDCSKWLKFANTLKLR(MSE)AIRISGVEPEYAQTKAQ
EAVLGGV(MSE)ESVGDSSYDTTNGGINENGYAIVSGWPEVRANACLVSY(MSE)NGYNDPRRPAYFTPQTQTAAGGYVG
VRSGSAEIPEPTVYANYSKLFIATDKTLPQPV(MSE)YAAEAAFLRAEGALKGWN(MSE)GGDAKTFYEKGVRLSFEEFG
VSGADDYLADATSIPGNYVDNLIAGHTGNNYTNQSSITIKWEDGADDAKKLERVLTQKWIACYPDP(MSE)NGWADFRRT
GYPRIFPATES(MSE)NADCNTGRGQRRLRFTRSEYNNNKANVEAAVS(MSE)LSNGKDSNGTDLWWA(MSE)KENGTY
;
_entity_poly.pdbx_strand_id   A,B
#
# COMPACT_ATOMS: atom_id res chain seq x y z
N PRO A 16 20.92 -8.59 18.82
CA PRO A 16 20.99 -7.69 20.01
C PRO A 16 19.69 -6.88 20.15
N ALA A 17 18.96 -7.08 21.25
CA ALA A 17 17.61 -6.53 21.42
C ALA A 17 17.53 -5.02 21.16
N SER A 18 18.54 -4.25 21.61
CA SER A 18 18.54 -2.80 21.40
C SER A 18 18.40 -2.42 19.91
N ASN A 19 18.91 -3.24 19.02
CA ASN A 19 18.78 -2.97 17.59
C ASN A 19 17.33 -3.10 17.07
N LEU A 20 16.50 -3.92 17.72
CA LEU A 20 15.08 -4.01 17.32
C LEU A 20 14.31 -2.73 17.71
N LEU A 21 14.82 -1.97 18.69
CA LEU A 21 14.18 -0.70 19.05
C LEU A 21 14.23 0.27 17.90
N SER A 22 15.27 0.22 17.08
CA SER A 22 15.42 1.26 16.04
C SER A 22 14.24 1.33 15.09
N THR A 23 13.72 0.19 14.65
CA THR A 23 12.54 0.20 13.80
CA THR A 23 12.55 0.27 13.77
C THR A 23 11.33 0.73 14.53
N PHE A 25 11.14 2.77 16.86
CA PHE A 25 11.22 4.19 17.11
C PHE A 25 10.64 5.05 16.00
N ASN A 26 10.42 4.47 14.81
CA ASN A 26 9.76 5.26 13.74
C ASN A 26 8.35 5.74 14.11
N VAL A 27 7.70 5.14 15.11
CA VAL A 27 6.39 5.68 15.51
C VAL A 27 6.44 7.07 16.12
N TYR A 28 7.57 7.52 16.64
CA TYR A 28 7.61 8.78 17.36
C TYR A 28 7.40 9.99 16.44
N ALA A 29 8.01 9.95 15.27
CA ALA A 29 7.96 11.07 14.35
C ALA A 29 7.59 10.71 12.92
N CYS A 30 7.68 9.42 12.56
CA CYS A 30 7.46 8.96 11.15
C CYS A 30 8.27 9.74 10.11
N PRO A 31 9.61 9.66 10.18
CA PRO A 31 10.45 10.37 9.20
C PRO A 31 10.47 9.83 7.75
N GLN A 32 10.28 8.53 7.57
CA GLN A 32 10.32 7.97 6.22
C GLN A 32 9.21 8.63 5.40
N GLN A 33 9.47 8.88 4.12
CA GLN A 33 8.61 9.73 3.34
C GLN A 33 7.15 9.27 3.29
N ASN A 34 6.90 7.96 3.17
CA ASN A 34 5.52 7.45 3.10
C ASN A 34 4.86 7.39 4.47
N ALA A 35 5.61 7.01 5.50
CA ALA A 35 5.13 7.09 6.89
C ALA A 35 4.74 8.53 7.21
N CYS A 36 5.60 9.49 6.81
CA CYS A 36 5.35 10.91 7.01
C CYS A 36 4.06 11.35 6.31
N GLN A 37 3.87 10.97 5.06
CA GLN A 37 2.65 11.33 4.37
C GLN A 37 1.45 10.74 5.09
N GLU A 38 1.55 9.45 5.41
CA GLU A 38 0.39 8.71 5.96
C GLU A 38 -0.05 9.23 7.32
N ILE A 39 0.91 9.50 8.20
CA ILE A 39 0.62 9.92 9.55
C ILE A 39 0.61 11.44 9.72
N ASN A 40 1.55 12.13 9.08
CA ASN A 40 1.73 13.54 9.28
C ASN A 40 1.04 14.41 8.22
N CYS A 41 0.57 13.86 7.11
CA CYS A 41 0.07 14.70 6.01
C CYS A 41 -1.21 14.28 5.32
N TRP A 43 -4.90 12.40 7.15
CA TRP A 43 -5.90 12.75 8.15
C TRP A 43 -5.41 13.84 9.08
N ALA A 44 -4.10 14.05 9.16
CA ALA A 44 -3.54 15.12 9.99
C ALA A 44 -4.12 16.49 9.69
N SER A 45 -4.64 16.69 8.48
CA SER A 45 -5.26 17.96 8.14
CA SER A 45 -5.32 17.93 8.10
C SER A 45 -6.44 18.29 9.06
N PHE A 46 -7.00 17.30 9.71
CA PHE A 46 -8.06 17.54 10.69
C PHE A 46 -7.56 18.28 11.95
N SER A 47 -6.24 18.37 12.12
CA SER A 47 -5.64 19.18 13.15
C SER A 47 -5.35 20.61 12.73
N GLY A 48 -5.61 20.98 11.49
CA GLY A 48 -5.63 22.41 11.08
C GLY A 48 -4.28 23.07 10.82
N GLN A 49 -3.20 22.29 10.79
CA GLN A 49 -1.83 22.84 10.62
C GLN A 49 -1.21 22.60 9.23
N VAL A 50 -1.47 21.42 8.67
CA VAL A 50 -1.08 21.05 7.30
C VAL A 50 -2.28 20.76 6.42
N THR A 51 -2.13 21.00 5.14
CA THR A 51 -3.15 20.66 4.13
C THR A 51 -2.51 19.75 3.08
N ALA A 52 -3.14 18.62 2.80
CA ALA A 52 -2.75 17.77 1.67
C ALA A 52 -3.27 18.38 0.34
N THR A 53 -2.38 18.73 -0.58
N THR A 53 -2.33 18.74 -0.53
CA THR A 53 -2.80 19.46 -1.80
CA THR A 53 -2.66 19.40 -1.79
C THR A 53 -3.16 18.57 -3.01
C THR A 53 -2.58 18.40 -2.94
N ALA A 54 -3.27 17.28 -2.78
CA ALA A 54 -3.41 16.27 -3.81
C ALA A 54 -4.83 15.73 -3.75
N ASN A 55 -5.26 15.03 -4.81
CA ASN A 55 -6.53 14.30 -4.75
C ASN A 55 -6.43 12.83 -5.19
N TRP A 56 -5.27 12.43 -5.68
CA TRP A 56 -4.98 11.02 -6.02
C TRP A 56 -5.99 10.42 -6.98
N SER A 57 -6.42 11.24 -7.92
CA SER A 57 -7.47 10.92 -8.90
C SER A 57 -8.76 10.49 -8.27
N PHE A 58 -9.01 10.88 -7.02
CA PHE A 58 -10.28 10.56 -6.35
C PHE A 58 -11.25 11.74 -6.26
N GLY A 59 -10.84 12.91 -6.76
CA GLY A 59 -11.64 14.13 -6.57
C GLY A 59 -11.82 14.45 -5.09
N LYS A 60 -13.06 14.59 -4.64
CA LYS A 60 -13.36 14.91 -3.25
C LYS A 60 -13.59 13.68 -2.34
N ASN A 61 -13.42 12.48 -2.89
CA ASN A 61 -13.49 11.23 -2.08
C ASN A 61 -12.13 10.95 -1.50
N ILE A 62 -11.79 11.80 -0.54
CA ILE A 62 -10.48 11.81 0.13
C ILE A 62 -10.66 12.25 1.56
N PHE A 63 -9.63 12.10 2.38
CA PHE A 63 -9.72 12.44 3.80
C PHE A 63 -10.27 13.84 4.02
N ALA A 64 -9.85 14.79 3.19
CA ALA A 64 -10.14 16.21 3.50
C ALA A 64 -11.61 16.49 3.56
N TYR A 65 -12.40 15.69 2.84
CA TYR A 65 -13.87 15.83 2.85
C TYR A 65 -14.54 14.64 3.60
N TYR A 66 -13.73 13.93 4.39
CA TYR A 66 -14.19 12.93 5.31
C TYR A 66 -14.64 11.66 4.63
N ASN A 67 -14.11 11.37 3.44
CA ASN A 67 -14.55 10.18 2.73
C ASN A 67 -13.39 9.48 2.00
N ALA A 68 -12.34 9.19 2.75
CA ALA A 68 -11.18 8.46 2.21
C ALA A 68 -11.50 7.07 1.70
N SER A 69 -10.72 6.65 0.72
CA SER A 69 -10.66 5.28 0.25
C SER A 69 -10.27 4.33 1.37
N GLU A 70 -10.57 3.05 1.19
CA GLU A 70 -10.14 2.03 2.15
C GLU A 70 -8.63 2.06 2.32
N GLY A 71 -7.90 2.10 1.19
CA GLY A 71 -6.43 2.14 1.23
C GLY A 71 -5.86 3.31 2.04
N HIS A 72 -6.42 4.50 1.83
CA HIS A 72 -6.04 5.67 2.59
C HIS A 72 -6.46 5.50 4.04
N ASN A 73 -7.69 5.14 4.28
CA ASN A 73 -8.11 4.92 5.67
C ASN A 73 -7.18 3.95 6.44
N ASP A 74 -6.88 2.81 5.83
CA ASP A 74 -6.17 1.71 6.49
C ASP A 74 -4.67 1.93 6.63
N SER A 75 -4.14 3.01 6.06
CA SER A 75 -2.68 3.20 6.09
C SER A 75 -2.06 3.25 7.47
N SER A 76 -2.70 3.99 8.37
CA SER A 76 -2.14 4.24 9.69
C SER A 76 -1.96 2.94 10.47
N TRP A 77 -3.00 2.09 10.44
CA TRP A 77 -2.91 0.79 11.08
C TRP A 77 -1.69 0.07 10.60
N GLY A 78 -1.55 -0.03 9.28
CA GLY A 78 -0.46 -0.81 8.70
C GLY A 78 0.91 -0.27 9.05
N ARG A 79 0.99 1.06 9.07
CA ARG A 79 2.25 1.70 9.33
C ARG A 79 2.71 1.50 10.80
N LEU A 80 1.80 1.77 11.72
CA LEU A 80 2.10 1.74 13.13
C LEU A 80 2.27 0.28 13.61
N TYR A 81 1.35 -0.61 13.24
CA TYR A 81 1.57 -2.02 13.48
C TYR A 81 2.87 -2.54 12.91
N GLY A 82 3.22 -2.12 11.71
CA GLY A 82 4.45 -2.56 11.10
C GLY A 82 5.70 -2.22 11.88
N TYR A 83 5.72 -1.03 12.48
CA TYR A 83 6.89 -0.65 13.25
C TYR A 83 6.94 -1.35 14.62
N ILE A 84 5.80 -1.52 15.28
CA ILE A 84 5.77 -2.01 16.64
C ILE A 84 5.91 -3.52 16.71
N TYR A 85 5.29 -4.23 15.77
CA TYR A 85 5.30 -5.71 15.83
C TYR A 85 5.93 -6.28 14.56
N PRO A 86 6.69 -7.40 14.68
CA PRO A 86 6.90 -8.23 15.90
C PRO A 86 8.00 -7.75 16.84
N SER A 87 8.63 -6.62 16.58
CA SER A 87 9.80 -6.24 17.38
C SER A 87 9.48 -6.18 18.87
N PHE A 88 8.29 -5.69 19.25
CA PHE A 88 7.93 -5.61 20.65
C PHE A 88 8.10 -6.98 21.35
N PHE A 89 7.56 -8.02 20.72
CA PHE A 89 7.60 -9.36 21.34
C PHE A 89 8.98 -9.97 21.30
N LEU A 90 9.71 -9.71 20.23
CA LEU A 90 11.09 -10.14 20.15
C LEU A 90 11.93 -9.51 21.27
N VAL A 91 11.70 -8.22 21.56
CA VAL A 91 12.42 -7.55 22.65
C VAL A 91 11.98 -8.12 23.99
N GLU A 92 10.68 -8.28 24.15
CA GLU A 92 10.14 -8.79 25.40
C GLU A 92 10.74 -10.14 25.75
N ASN A 93 10.81 -11.02 24.74
CA ASN A 93 11.35 -12.37 24.93
C ASN A 93 12.87 -12.37 25.20
N SER A 94 13.62 -11.63 24.39
CA SER A 94 15.06 -11.51 24.56
C SER A 94 15.46 -10.95 25.94
N THR A 95 14.75 -9.91 26.38
CA THR A 95 15.06 -9.24 27.64
C THR A 95 14.43 -9.90 28.89
N GLU A 96 13.56 -10.87 28.68
CA GLU A 96 12.77 -11.50 29.72
C GLU A 96 12.06 -10.45 30.57
N LYS A 97 11.48 -9.44 29.91
CA LYS A 97 10.65 -8.43 30.58
C LYS A 97 11.38 -7.66 31.67
N LYS A 98 12.68 -7.47 31.48
CA LYS A 98 13.46 -6.70 32.43
C LYS A 98 14.39 -5.74 31.74
N GLY A 99 14.67 -4.60 32.37
CA GLY A 99 15.78 -3.77 31.91
C GLY A 99 15.31 -2.60 31.06
N VAL A 100 16.25 -1.68 30.80
CA VAL A 100 15.97 -0.42 30.07
C VAL A 100 15.51 -0.67 28.63
N ILE A 101 15.99 -1.73 27.99
CA ILE A 101 15.62 -1.96 26.58
C ILE A 101 14.16 -2.43 26.55
N TYR A 102 13.74 -3.23 27.53
CA TYR A 102 12.35 -3.63 27.63
C TYR A 102 11.47 -2.45 27.95
N ALA A 103 11.90 -1.61 28.90
CA ALA A 103 11.18 -0.38 29.24
C ALA A 103 10.98 0.46 27.97
N ALA A 105 10.95 -0.54 24.88
CA ALA A 105 10.04 -1.23 23.95
C ALA A 105 8.59 -1.02 24.40
N GLN A 106 8.35 -1.03 25.71
CA GLN A 106 7.03 -0.78 26.26
C GLN A 106 6.58 0.66 25.99
N LEU A 107 7.46 1.60 26.28
CA LEU A 107 7.17 3.03 26.02
C LEU A 107 6.85 3.31 24.54
N THR A 108 7.63 2.72 23.67
CA THR A 108 7.50 2.92 22.24
C THR A 108 6.20 2.29 21.70
N ARG A 109 5.88 1.08 22.16
CA ARG A 109 4.59 0.44 21.87
C ARG A 109 3.44 1.28 22.34
N VAL A 110 3.49 1.74 23.60
CA VAL A 110 2.43 2.61 24.10
C VAL A 110 2.34 3.87 23.20
N TYR A 111 3.45 4.48 22.80
CA TYR A 111 3.40 5.73 21.99
C TYR A 111 2.63 5.49 20.69
N GLY A 112 2.95 4.38 20.06
CA GLY A 112 2.38 4.05 18.79
C GLY A 112 0.92 3.68 18.90
N GLN A 114 -1.20 4.40 21.46
CA GLN A 114 -2.09 5.48 21.92
C GLN A 114 -2.52 6.34 20.74
N LEU A 115 -1.61 6.52 19.77
CA LEU A 115 -1.96 7.17 18.52
C LEU A 115 -3.01 6.37 17.77
N LEU A 116 -2.83 5.05 17.65
CA LEU A 116 -3.77 4.27 16.85
C LEU A 116 -5.13 4.21 17.56
N ALA A 117 -5.13 4.10 18.89
CA ALA A 117 -6.39 4.13 19.67
C ALA A 117 -7.11 5.47 19.51
N SER A 118 -6.34 6.56 19.45
CA SER A 118 -6.87 7.92 19.22
C SER A 118 -7.41 8.13 17.80
N LEU A 119 -7.02 7.24 16.88
CA LEU A 119 -7.53 7.22 15.52
C LEU A 119 -8.81 6.37 15.40
N GLN A 120 -8.74 5.08 15.74
CA GLN A 120 -9.81 4.14 15.40
C GLN A 120 -10.61 3.63 16.58
N GLY A 121 -10.10 3.79 17.79
CA GLY A 121 -10.78 3.30 18.97
C GLY A 121 -10.29 1.94 19.40
N PRO A 122 -11.19 0.93 19.49
CA PRO A 122 -10.69 -0.39 19.89
C PRO A 122 -9.51 -0.87 19.02
N ILE A 123 -8.55 -1.51 19.67
CA ILE A 123 -7.47 -2.20 18.98
C ILE A 123 -7.15 -3.45 19.77
N PRO A 124 -6.52 -4.44 19.14
CA PRO A 124 -5.92 -5.52 19.93
C PRO A 124 -4.70 -4.99 20.70
N TYR A 125 -4.55 -5.43 21.93
CA TYR A 125 -3.44 -4.98 22.76
C TYR A 125 -3.16 -6.03 23.85
N THR A 126 -4.02 -6.14 24.84
CA THR A 126 -3.79 -7.05 25.98
C THR A 126 -3.73 -8.52 25.57
N GLN A 127 -4.49 -8.86 24.54
CA GLN A 127 -4.67 -10.25 24.13
CA GLN A 127 -4.65 -10.27 24.16
C GLN A 127 -3.75 -10.67 22.99
N LYS A 129 -0.55 -12.04 21.11
CA LYS A 129 0.50 -13.04 21.33
C LYS A 129 1.46 -13.09 20.14
N ALA A 130 2.75 -13.26 20.44
CA ALA A 130 3.83 -13.39 19.45
C ALA A 130 3.44 -14.15 18.16
N GLY A 131 3.34 -13.41 17.04
CA GLY A 131 3.04 -13.96 15.69
C GLY A 131 1.60 -14.32 15.28
N GLU A 132 0.61 -14.16 16.18
CA GLU A 132 -0.75 -14.63 15.90
C GLU A 132 -1.59 -13.47 15.35
N THR A 133 -2.23 -13.66 14.19
CA THR A 133 -3.02 -12.54 13.60
C THR A 133 -4.38 -12.36 14.28
N GLU A 134 -4.99 -13.47 14.69
CA GLU A 134 -6.37 -13.40 15.13
C GLU A 134 -6.47 -12.99 16.59
N ALA A 135 -6.02 -11.78 16.92
CA ALA A 135 -6.10 -11.32 18.30
C ALA A 135 -7.44 -10.64 18.55
N PRO A 136 -8.09 -10.96 19.66
CA PRO A 136 -9.24 -10.16 20.09
C PRO A 136 -8.91 -8.70 20.34
N TYR A 137 -9.93 -7.87 20.13
CA TYR A 137 -9.80 -6.43 20.35
C TYR A 137 -10.06 -6.11 21.82
N ASP A 138 -9.30 -5.17 22.38
CA ASP A 138 -9.68 -4.52 23.65
C ASP A 138 -10.69 -3.39 23.35
N ASN A 139 -11.68 -3.21 24.21
CA ASN A 139 -12.46 -1.99 24.08
C ASN A 139 -11.60 -0.81 24.54
N GLU A 140 -12.05 0.41 24.28
CA GLU A 140 -11.21 1.56 24.49
C GLU A 140 -10.87 1.72 25.98
N GLN A 141 -11.83 1.56 26.88
CA GLN A 141 -11.44 1.63 28.30
C GLN A 141 -10.30 0.67 28.61
N THR A 142 -10.37 -0.55 28.09
CA THR A 142 -9.42 -1.58 28.46
C THR A 142 -8.05 -1.25 27.93
N VAL A 143 -7.98 -0.83 26.67
CA VAL A 143 -6.65 -0.51 26.08
C VAL A 143 -6.05 0.74 26.73
N TRP A 144 -6.83 1.77 26.99
CA TRP A 144 -6.25 2.94 27.66
C TRP A 144 -5.69 2.55 29.03
N HIS A 145 -6.47 1.82 29.81
CA HIS A 145 -5.98 1.38 31.15
C HIS A 145 -4.75 0.46 31.07
N ALA A 146 -4.78 -0.50 30.14
CA ALA A 146 -3.63 -1.37 29.88
C ALA A 146 -2.39 -0.58 29.50
N PHE A 148 -1.71 2.64 30.23
CA PHE A 148 -1.23 3.31 31.46
C PHE A 148 -0.42 2.33 32.34
N ASP A 149 -0.93 1.11 32.49
CA ASP A 149 -0.20 0.09 33.25
C ASP A 149 1.20 -0.21 32.70
N ASP A 150 1.31 -0.37 31.38
CA ASP A 150 2.58 -0.72 30.79
C ASP A 150 3.52 0.50 30.89
N LEU A 151 2.94 1.68 30.72
CA LEU A 151 3.72 2.90 30.78
C LEU A 151 4.25 3.05 32.20
N ASP A 152 3.44 2.73 33.23
CA ASP A 152 3.94 2.82 34.61
C ASP A 152 5.11 1.89 34.88
N ASN A 153 5.05 0.71 34.28
CA ASN A 153 6.12 -0.27 34.40
C ASN A 153 7.40 0.29 33.78
N ALA A 154 7.29 0.90 32.60
CA ALA A 154 8.44 1.53 31.93
C ALA A 154 9.02 2.65 32.77
N ILE A 155 8.15 3.47 33.35
CA ILE A 155 8.53 4.57 34.23
C ILE A 155 9.32 4.07 35.43
N THR A 156 8.91 2.95 36.01
CA THR A 156 9.62 2.46 37.21
C THR A 156 11.03 2.06 36.85
N ILE A 157 11.17 1.41 35.70
CA ILE A 157 12.49 0.98 35.22
C ILE A 157 13.38 2.15 34.87
N LEU A 158 12.85 3.10 34.10
CA LEU A 158 13.63 4.27 33.68
C LEU A 158 14.07 5.12 34.89
N LYS A 159 13.20 5.24 35.91
CA LYS A 159 13.50 6.07 37.08
C LYS A 159 14.70 5.53 37.84
N SER A 160 14.74 4.23 38.02
CA SER A 160 15.89 3.62 38.63
C SER A 160 17.14 3.74 37.77
N ALA A 161 17.01 3.42 36.49
CA ALA A 161 18.11 3.49 35.54
C ALA A 161 18.75 4.91 35.53
N ALA A 162 17.93 5.94 35.60
CA ALA A 162 18.39 7.33 35.48
C ALA A 162 19.41 7.72 36.60
N THR A 163 19.25 7.11 37.77
CA THR A 163 20.12 7.41 38.95
C THR A 163 21.58 7.03 38.68
N PHE A 164 21.81 6.12 37.70
CA PHE A 164 23.17 5.61 37.44
C PHE A 164 23.91 6.43 36.41
N GLY A 165 23.24 7.41 35.77
CA GLY A 165 23.81 8.17 34.68
C GLY A 165 23.36 7.58 33.34
N VAL A 166 23.89 8.14 32.26
CA VAL A 166 23.50 7.76 30.87
C VAL A 166 23.68 6.26 30.63
N ASN A 167 22.68 5.65 30.02
CA ASN A 167 22.66 4.19 29.86
C ASN A 167 23.41 3.84 28.59
N GLN A 168 24.43 3.00 28.72
CA GLN A 168 25.33 2.77 27.59
C GLN A 168 24.71 1.84 26.54
N ASP A 169 23.87 0.88 26.95
CA ASP A 169 23.15 0.02 25.96
C ASP A 169 22.23 0.85 25.07
N LEU A 170 21.49 1.73 25.71
CA LEU A 170 20.50 2.54 25.04
C LEU A 170 21.21 3.60 24.16
N ALA A 171 22.37 4.11 24.60
CA ALA A 171 23.09 5.17 23.86
C ALA A 171 23.44 4.80 22.38
N VAL A 172 23.73 3.54 22.17
CA VAL A 172 24.16 3.04 20.86
C VAL A 172 23.12 3.29 19.79
N VAL A 173 21.84 3.30 20.16
CA VAL A 173 20.75 3.36 19.18
C VAL A 173 19.78 4.55 19.34
N ASP A 174 19.97 5.32 20.39
CA ASP A 174 19.01 6.35 20.79
C ASP A 174 19.36 7.71 20.19
N GLN A 175 18.76 8.05 19.06
CA GLN A 175 18.92 9.36 18.44
C GLN A 175 18.14 10.49 19.11
N PHE A 176 17.25 10.15 20.02
CA PHE A 176 16.40 11.16 20.70
C PHE A 176 17.14 11.80 21.86
N TYR A 177 17.66 10.96 22.74
CA TYR A 177 18.32 11.43 23.96
C TYR A 177 19.67 10.77 24.29
N LYS A 178 20.22 10.01 23.34
CA LYS A 178 21.59 9.43 23.46
C LYS A 178 21.77 8.60 24.74
N GLY A 179 20.68 7.96 25.15
CA GLY A 179 20.69 7.05 26.31
C GLY A 179 20.40 7.65 27.65
N ASP A 180 20.13 8.95 27.69
CA ASP A 180 19.84 9.63 28.92
C ASP A 180 18.44 9.27 29.43
N CYS A 181 18.39 8.35 30.40
CA CYS A 181 17.09 7.90 30.94
C CYS A 181 16.35 8.95 31.75
N SER A 182 17.04 9.99 32.23
CA SER A 182 16.32 11.09 32.88
CA SER A 182 16.34 11.10 32.88
C SER A 182 15.47 11.85 31.86
N LYS A 183 15.96 11.98 30.62
CA LYS A 183 15.17 12.65 29.55
C LYS A 183 14.00 11.75 29.15
N TRP A 184 14.28 10.46 29.00
CA TRP A 184 13.18 9.55 28.72
C TRP A 184 12.13 9.51 29.83
N LEU A 185 12.55 9.70 31.07
CA LEU A 185 11.59 9.65 32.19
C LEU A 185 10.63 10.83 32.10
N LYS A 186 11.15 12.01 31.82
CA LYS A 186 10.33 13.19 31.62
C LYS A 186 9.41 13.00 30.42
N PHE A 187 9.95 12.42 29.34
CA PHE A 187 9.15 12.10 28.13
C PHE A 187 8.00 11.18 28.52
N ALA A 188 8.32 10.14 29.26
CA ALA A 188 7.32 9.15 29.64
C ALA A 188 6.21 9.75 30.53
N ASN A 189 6.59 10.56 31.51
CA ASN A 189 5.60 11.23 32.37
C ASN A 189 4.78 12.26 31.62
N THR A 190 5.36 12.91 30.62
CA THR A 190 4.63 13.91 29.85
C THR A 190 3.61 13.17 28.96
N LEU A 191 4.01 12.03 28.43
CA LEU A 191 3.08 11.18 27.67
C LEU A 191 1.95 10.69 28.54
N LYS A 192 2.31 10.28 29.74
CA LYS A 192 1.32 9.86 30.73
C LYS A 192 0.33 11.00 30.97
N LEU A 193 0.83 12.22 31.11
CA LEU A 193 -0.05 13.39 31.29
C LEU A 193 -0.91 13.71 30.06
N ARG A 194 -0.33 13.60 28.87
CA ARG A 194 -1.10 13.75 27.60
C ARG A 194 -2.27 12.79 27.54
N ALA A 196 -3.68 11.14 30.08
CA ALA A 196 -4.60 11.43 31.17
C ALA A 196 -5.56 12.55 30.77
N ILE A 197 -5.03 13.64 30.22
CA ILE A 197 -5.88 14.75 29.73
C ILE A 197 -6.83 14.24 28.64
N ARG A 198 -6.32 13.37 27.76
CA ARG A 198 -7.15 12.92 26.63
C ARG A 198 -8.37 12.15 27.06
N ILE A 199 -8.22 11.32 28.11
CA ILE A 199 -9.34 10.55 28.66
C ILE A 199 -10.11 11.20 29.84
N SER A 200 -9.86 12.49 30.07
CA SER A 200 -10.29 13.18 31.27
C SER A 200 -11.77 13.52 31.22
N GLY A 201 -12.32 13.59 29.99
CA GLY A 201 -13.75 13.89 29.85
C GLY A 201 -14.57 12.68 30.25
N VAL A 202 -14.15 11.51 29.76
CA VAL A 202 -14.90 10.28 30.01
C VAL A 202 -14.60 9.68 31.36
N GLU A 203 -13.36 9.80 31.85
CA GLU A 203 -12.96 9.31 33.18
C GLU A 203 -12.25 10.36 34.04
N PRO A 204 -13.02 11.31 34.57
CA PRO A 204 -12.37 12.46 35.20
C PRO A 204 -11.54 12.10 36.42
N GLU A 205 -12.01 11.14 37.20
CA GLU A 205 -11.27 10.86 38.43
CA GLU A 205 -11.36 10.75 38.45
C GLU A 205 -10.07 9.96 38.16
N TYR A 206 -10.20 8.93 37.32
CA TYR A 206 -9.05 8.09 36.95
C TYR A 206 -7.97 8.96 36.26
N ALA A 207 -8.42 9.86 35.38
CA ALA A 207 -7.52 10.77 34.69
C ALA A 207 -6.75 11.68 35.65
N GLN A 208 -7.45 12.29 36.58
CA GLN A 208 -6.82 13.12 37.58
C GLN A 208 -5.72 12.38 38.33
N THR A 209 -6.01 11.17 38.79
CA THR A 209 -5.02 10.38 39.48
C THR A 209 -3.78 10.14 38.66
N LYS A 210 -3.96 9.70 37.41
CA LYS A 210 -2.80 9.52 36.54
C LYS A 210 -2.02 10.83 36.25
N ALA A 211 -2.75 11.92 36.04
CA ALA A 211 -2.12 13.21 35.72
C ALA A 211 -1.26 13.68 36.91
N GLN A 212 -1.81 13.57 38.10
CA GLN A 212 -1.10 13.97 39.33
C GLN A 212 0.14 13.10 39.57
N GLU A 213 0.03 11.80 39.35
CA GLU A 213 1.22 10.93 39.35
C GLU A 213 2.27 11.38 38.38
N ALA A 214 1.84 11.68 37.14
CA ALA A 214 2.73 12.15 36.10
C ALA A 214 3.47 13.40 36.52
N VAL A 215 2.75 14.35 37.13
CA VAL A 215 3.35 15.60 37.56
C VAL A 215 4.39 15.39 38.66
N LEU A 216 4.10 14.49 39.59
CA LEU A 216 5.07 14.10 40.62
C LEU A 216 6.28 13.34 40.04
N GLY A 217 6.03 12.53 39.02
CA GLY A 217 7.08 11.78 38.38
C GLY A 217 8.08 12.72 37.73
N GLY A 218 7.57 13.80 37.12
CA GLY A 218 8.37 14.85 36.55
C GLY A 218 8.17 14.93 35.05
N VAL A 219 7.56 16.01 34.59
CA VAL A 219 7.32 16.18 33.15
C VAL A 219 8.41 17.08 32.56
N GLU A 221 10.32 20.29 31.37
CA GLU A 221 10.33 21.63 31.97
C GLU A 221 11.08 22.69 31.17
N SER A 222 11.97 22.27 30.29
CA SER A 222 12.77 23.21 29.50
CA SER A 222 12.81 23.20 29.52
C SER A 222 12.97 22.71 28.08
N VAL A 223 13.35 23.61 27.18
CA VAL A 223 13.50 23.26 25.76
C VAL A 223 14.50 22.12 25.51
N GLY A 224 15.50 21.98 26.38
CA GLY A 224 16.47 20.88 26.26
C GLY A 224 15.87 19.50 26.51
N ASP A 225 14.65 19.49 27.03
CA ASP A 225 13.93 18.26 27.28
C ASP A 225 13.15 17.72 26.06
N SER A 226 12.90 18.59 25.09
CA SER A 226 12.08 18.24 23.95
C SER A 226 12.69 17.10 23.16
N SER A 227 11.84 16.27 22.56
CA SER A 227 12.27 15.13 21.78
C SER A 227 12.13 15.37 20.30
N TYR A 228 13.24 15.14 19.60
CA TYR A 228 13.32 15.15 18.13
C TYR A 228 13.99 13.87 17.58
N ASP A 229 13.58 13.43 16.39
CA ASP A 229 14.21 12.25 15.77
C ASP A 229 15.42 12.82 15.04
N THR A 230 16.53 12.92 15.76
CA THR A 230 17.64 13.74 15.30
C THR A 230 18.29 13.25 14.00
N THR A 231 18.19 11.94 13.75
CA THR A 231 18.74 11.36 12.51
C THR A 231 17.68 11.12 11.45
N ASN A 232 16.44 11.55 11.74
CA ASN A 232 15.28 11.21 10.92
C ASN A 232 15.30 9.70 10.57
N GLY A 233 15.40 8.89 11.60
CA GLY A 233 15.23 7.44 11.44
C GLY A 233 16.39 6.80 10.69
N GLY A 234 17.56 7.43 10.78
CA GLY A 234 18.74 7.02 10.06
C GLY A 234 18.75 7.41 8.59
N ILE A 235 17.69 8.10 8.14
CA ILE A 235 17.59 8.54 6.74
C ILE A 235 18.35 9.86 6.55
N ASN A 236 18.51 10.61 7.66
CA ASN A 236 19.23 11.90 7.70
C ASN A 236 18.68 12.97 6.77
N GLU A 237 17.43 12.76 6.38
CA GLU A 237 16.64 13.77 5.70
C GLU A 237 15.18 13.54 6.04
N ASN A 238 14.41 14.63 6.20
CA ASN A 238 13.09 14.47 6.72
C ASN A 238 12.06 14.18 5.62
N GLY A 239 11.01 13.52 6.00
CA GLY A 239 9.93 13.17 5.07
C GLY A 239 9.11 14.35 4.63
N TYR A 240 8.98 15.38 5.46
CA TYR A 240 8.20 16.55 5.07
C TYR A 240 8.79 17.20 3.86
N ALA A 241 10.12 17.28 3.80
CA ALA A 241 10.76 17.95 2.67
C ALA A 241 10.47 17.17 1.37
N ILE A 242 10.43 15.84 1.46
CA ILE A 242 10.11 15.01 0.31
C ILE A 242 8.61 15.24 -0.09
N VAL A 243 7.68 15.05 0.83
CA VAL A 243 6.24 15.23 0.53
C VAL A 243 5.99 16.65 -0.01
N SER A 244 6.65 17.62 0.61
CA SER A 244 6.44 19.02 0.24
C SER A 244 6.99 19.34 -1.16
N GLY A 245 8.05 18.62 -1.53
CA GLY A 245 8.69 18.79 -2.82
C GLY A 245 7.90 18.22 -3.97
N TRP A 246 7.01 17.27 -3.70
CA TRP A 246 6.24 16.61 -4.76
C TRP A 246 5.43 17.48 -5.72
N PRO A 247 4.63 18.48 -5.24
CA PRO A 247 4.25 18.78 -3.83
C PRO A 247 2.93 18.13 -3.46
N GLU A 248 2.77 17.71 -2.21
CA GLU A 248 1.50 17.20 -1.74
C GLU A 248 1.11 17.66 -0.34
N VAL A 249 1.91 18.57 0.26
CA VAL A 249 1.56 19.18 1.53
C VAL A 249 1.98 20.63 1.58
N ARG A 250 1.08 21.47 2.13
CA ARG A 250 1.35 22.87 2.33
C ARG A 250 0.82 23.29 3.71
N ALA A 251 1.07 24.52 4.12
CA ALA A 251 0.53 25.06 5.35
C ALA A 251 -1.01 25.13 5.22
N ASN A 252 -1.69 24.88 6.31
CA ASN A 252 -3.16 24.89 6.38
C ASN A 252 -3.65 26.30 6.68
N ALA A 253 -4.69 26.70 5.92
CA ALA A 253 -5.37 27.96 6.08
C ALA A 253 -5.68 28.31 7.53
N CYS A 254 -6.07 27.30 8.29
CA CYS A 254 -6.53 27.49 9.65
C CYS A 254 -5.43 28.00 10.62
N LEU A 255 -4.36 27.23 10.81
CA LEU A 255 -3.28 27.70 11.67
C LEU A 255 -2.70 29.04 11.18
N VAL A 256 -2.47 29.17 9.89
CA VAL A 256 -1.87 30.42 9.34
C VAL A 256 -2.78 31.62 9.64
N SER A 257 -4.09 31.46 9.43
CA SER A 257 -5.06 32.54 9.73
C SER A 257 -5.14 32.90 11.21
N TYR A 258 -5.12 31.93 12.10
CA TYR A 258 -5.06 32.28 13.52
C TYR A 258 -3.80 33.13 13.80
N ASN A 260 -1.87 34.87 11.63
CA ASN A 260 -1.91 36.18 10.96
C ASN A 260 -2.71 37.20 11.82
N GLY A 261 -3.84 36.75 12.36
CA GLY A 261 -4.68 37.61 13.21
C GLY A 261 -3.92 38.07 14.43
N TYR A 262 -3.08 37.19 14.98
CA TYR A 262 -2.25 37.49 16.15
C TYR A 262 -0.91 38.17 15.88
N ASN A 263 -0.64 38.50 14.61
CA ASN A 263 0.69 38.99 14.15
C ASN A 263 1.78 38.18 14.79
N ASP A 264 1.60 36.85 14.76
CA ASP A 264 2.39 35.94 15.59
C ASP A 264 3.82 35.87 15.11
N PRO A 265 4.77 36.18 15.99
CA PRO A 265 6.16 36.20 15.55
C PRO A 265 6.75 34.84 15.24
N ARG A 266 6.03 33.77 15.59
CA ARG A 266 6.48 32.45 15.17
C ARG A 266 6.24 32.15 13.70
N ARG A 267 5.46 32.98 12.99
CA ARG A 267 5.18 32.71 11.58
C ARG A 267 6.42 32.38 10.73
N PRO A 268 7.47 33.23 10.76
CA PRO A 268 8.67 32.92 9.95
C PRO A 268 9.43 31.68 10.36
N ALA A 269 9.20 31.20 11.60
CA ALA A 269 9.81 29.94 12.06
C ALA A 269 8.98 28.70 11.64
N TYR A 270 7.72 28.94 11.29
CA TYR A 270 6.75 27.87 11.00
C TYR A 270 6.49 27.66 9.50
N PHE A 271 6.53 28.75 8.74
CA PHE A 271 6.06 28.78 7.34
C PHE A 271 6.99 29.61 6.44
N THR A 272 6.89 29.41 5.13
CA THR A 272 7.45 30.33 4.15
C THR A 272 6.36 31.24 3.64
N PRO A 273 6.69 32.48 3.30
CA PRO A 273 5.75 33.39 2.64
C PRO A 273 5.33 32.80 1.30
N GLN A 274 4.06 33.04 0.92
CA GLN A 274 3.57 32.65 -0.40
C GLN A 274 4.32 33.42 -1.47
N THR A 275 4.54 32.76 -2.61
CA THR A 275 5.24 33.40 -3.72
C THR A 275 4.41 33.39 -5.01
N GLN A 276 3.13 33.08 -4.88
CA GLN A 276 2.22 33.08 -6.04
C GLN A 276 2.04 34.48 -6.60
N THR A 277 1.95 35.47 -5.71
CA THR A 277 1.80 36.86 -6.08
C THR A 277 2.90 37.68 -5.46
N ALA A 278 2.96 38.97 -5.82
CA ALA A 278 3.96 39.91 -5.28
C ALA A 278 3.71 40.37 -3.86
N ALA A 279 2.56 40.02 -3.27
CA ALA A 279 2.17 40.55 -1.93
C ALA A 279 3.02 40.04 -0.79
N GLY A 280 3.61 38.87 -0.97
CA GLY A 280 4.28 38.21 0.14
C GLY A 280 3.25 37.81 1.20
N GLY A 281 3.66 37.77 2.47
CA GLY A 281 2.75 37.33 3.55
C GLY A 281 2.58 35.80 3.56
N TYR A 282 1.85 35.33 4.56
CA TYR A 282 1.62 33.95 4.82
C TYR A 282 0.19 33.65 4.45
N VAL A 283 0.02 32.67 3.56
CA VAL A 283 -1.28 32.23 3.09
C VAL A 283 -1.31 30.71 3.04
N GLY A 284 -2.16 30.13 3.88
CA GLY A 284 -2.37 28.67 3.89
C GLY A 284 -3.37 28.21 2.85
N VAL A 285 -3.48 26.89 2.73
CA VAL A 285 -4.41 26.21 1.82
C VAL A 285 -5.61 25.71 2.58
N ARG A 286 -6.82 25.99 2.07
CA ARG A 286 -8.01 25.47 2.69
C ARG A 286 -8.08 23.95 2.46
N SER A 287 -8.16 23.20 3.56
CA SER A 287 -8.26 21.75 3.51
C SER A 287 -9.72 21.47 3.20
N GLY A 288 -9.98 20.59 2.24
CA GLY A 288 -11.35 20.36 1.85
C GLY A 288 -11.89 21.57 1.04
N SER A 289 -11.11 22.00 0.06
CA SER A 289 -11.42 23.23 -0.69
C SER A 289 -12.67 23.10 -1.56
N ALA A 290 -13.21 24.25 -1.98
CA ALA A 290 -14.38 24.30 -2.85
C ALA A 290 -14.10 23.59 -4.16
N GLU A 291 -12.90 23.73 -4.68
CA GLU A 291 -12.47 22.97 -5.85
C GLU A 291 -11.62 21.73 -5.46
N ILE A 292 -11.65 20.72 -6.30
CA ILE A 292 -10.81 19.49 -6.05
C ILE A 292 -9.36 19.95 -5.88
N PRO A 293 -8.67 19.49 -4.82
CA PRO A 293 -7.32 19.96 -4.53
C PRO A 293 -6.36 19.45 -5.62
N GLU A 294 -5.55 20.36 -6.15
CA GLU A 294 -4.53 20.09 -7.17
C GLU A 294 -3.16 20.56 -6.72
N PRO A 295 -2.15 19.68 -6.79
CA PRO A 295 -0.82 20.08 -6.34
C PRO A 295 -0.26 21.33 -7.01
N THR A 296 -0.36 21.46 -8.33
CA THR A 296 0.26 22.57 -9.01
C THR A 296 -0.40 23.92 -8.69
N VAL A 297 -1.69 23.88 -8.41
CA VAL A 297 -2.47 25.08 -8.06
C VAL A 297 -1.94 25.73 -6.77
N TYR A 298 -1.56 24.88 -5.81
CA TYR A 298 -1.14 25.32 -4.49
C TYR A 298 0.37 25.32 -4.29
N ALA A 299 1.12 25.13 -5.37
CA ALA A 299 2.56 24.97 -5.26
C ALA A 299 3.26 26.16 -4.59
N ASN A 300 2.76 27.38 -4.82
CA ASN A 300 3.39 28.59 -4.30
C ASN A 300 2.68 29.25 -3.11
N TYR A 301 1.76 28.54 -2.47
CA TYR A 301 1.24 28.94 -1.20
C TYR A 301 2.29 28.66 -0.11
N SER A 302 2.06 29.13 1.12
CA SER A 302 3.00 28.91 2.20
C SER A 302 3.32 27.43 2.44
N LYS A 303 4.60 27.15 2.55
CA LYS A 303 5.10 25.83 2.84
C LYS A 303 5.39 25.69 4.33
N LEU A 304 5.49 24.44 4.78
CA LEU A 304 5.97 24.16 6.12
C LEU A 304 7.48 24.46 6.12
N PHE A 305 7.91 25.23 7.12
CA PHE A 305 9.32 25.59 7.25
C PHE A 305 10.24 24.35 7.28
N ILE A 306 9.81 23.30 7.97
CA ILE A 306 10.65 22.10 8.15
C ILE A 306 10.96 21.44 6.81
N ALA A 307 10.11 21.67 5.80
CA ALA A 307 10.34 21.18 4.42
C ALA A 307 11.46 21.91 3.70
N THR A 308 11.88 23.08 4.20
CA THR A 308 12.82 23.95 3.49
C THR A 308 14.28 23.55 3.69
N ASP A 309 14.52 22.65 4.64
CA ASP A 309 15.86 22.17 4.92
C ASP A 309 15.70 20.72 5.31
N LYS A 310 16.06 19.85 4.39
CA LYS A 310 15.84 18.42 4.57
C LYS A 310 16.59 17.82 5.76
N THR A 311 17.67 18.46 6.22
CA THR A 311 18.42 17.96 7.38
C THR A 311 17.71 18.22 8.72
N LEU A 312 16.69 19.10 8.76
CA LEU A 312 16.01 19.38 10.00
C LEU A 312 15.35 18.12 10.57
N PRO A 313 15.49 17.89 11.89
CA PRO A 313 14.93 16.68 12.51
C PRO A 313 13.43 16.80 12.75
N GLN A 314 12.67 15.75 12.45
CA GLN A 314 11.26 15.77 12.76
C GLN A 314 11.03 15.73 14.27
N PRO A 315 10.11 16.58 14.78
CA PRO A 315 9.78 16.67 16.20
C PRO A 315 8.88 15.53 16.69
N VAL A 316 9.02 15.18 17.96
CA VAL A 316 8.18 14.19 18.61
C VAL A 316 7.30 14.89 19.67
N TYR A 318 7.26 18.42 22.49
CA TYR A 318 7.90 19.63 22.96
C TYR A 318 7.65 19.91 24.42
N ALA A 319 8.64 20.54 25.08
CA ALA A 319 8.51 20.89 26.48
C ALA A 319 7.25 21.76 26.71
N ALA A 320 6.92 22.62 25.74
CA ALA A 320 5.73 23.48 25.84
C ALA A 320 4.46 22.67 26.11
N GLU A 321 4.35 21.47 25.54
CA GLU A 321 3.13 20.67 25.70
C GLU A 321 2.90 20.33 27.16
N ALA A 322 3.98 20.03 27.90
CA ALA A 322 3.85 19.70 29.33
C ALA A 322 3.30 20.87 30.14
N ALA A 323 3.67 22.09 29.76
CA ALA A 323 3.17 23.27 30.45
C ALA A 323 1.68 23.44 30.13
N PHE A 324 1.30 23.31 28.86
CA PHE A 324 -0.11 23.49 28.49
C PHE A 324 -1.01 22.40 29.02
N LEU A 325 -0.49 21.17 29.14
CA LEU A 325 -1.27 20.07 29.75
C LEU A 325 -1.57 20.40 31.21
N ARG A 326 -0.55 20.90 31.93
CA ARG A 326 -0.69 21.31 33.33
C ARG A 326 -1.62 22.51 33.46
N ALA A 327 -1.59 23.43 32.50
CA ALA A 327 -2.50 24.57 32.55
C ALA A 327 -3.94 24.08 32.52
N GLU A 328 -4.24 23.15 31.59
CA GLU A 328 -5.58 22.60 31.48
C GLU A 328 -5.94 21.84 32.77
N GLY A 329 -5.03 21.02 33.28
CA GLY A 329 -5.25 20.32 34.53
C GLY A 329 -5.59 21.31 35.64
N ALA A 330 -4.89 22.43 35.69
CA ALA A 330 -5.20 23.45 36.70
C ALA A 330 -6.60 24.03 36.55
N LEU A 331 -7.02 24.30 35.31
CA LEU A 331 -8.40 24.74 35.02
C LEU A 331 -9.46 23.74 35.50
N LYS A 332 -9.08 22.47 35.48
CA LYS A 332 -10.00 21.41 35.90
C LYS A 332 -10.10 21.30 37.43
N GLY A 333 -9.28 22.06 38.14
CA GLY A 333 -9.19 21.92 39.58
C GLY A 333 -8.22 20.87 40.08
N TRP A 334 -7.39 20.32 39.20
CA TRP A 334 -6.39 19.32 39.59
C TRP A 334 -5.20 20.01 40.27
N ASN A 335 -4.41 19.24 41.01
CA ASN A 335 -3.26 19.80 41.67
C ASN A 335 -2.04 19.55 40.81
N GLY A 337 0.88 21.61 40.60
CA GLY A 337 2.13 22.27 41.00
C GLY A 337 2.22 23.74 40.63
N GLY A 338 1.08 24.33 40.30
CA GLY A 338 1.01 25.69 39.77
C GLY A 338 -0.37 26.02 39.27
N ASP A 339 -0.63 27.30 39.03
CA ASP A 339 -1.93 27.70 38.54
C ASP A 339 -1.94 27.81 37.02
N ALA A 340 -3.14 27.92 36.48
CA ALA A 340 -3.32 27.95 35.00
C ALA A 340 -2.54 29.05 34.32
N LYS A 341 -2.63 30.28 34.84
CA LYS A 341 -1.90 31.40 34.26
C LYS A 341 -0.40 31.09 34.18
N THR A 342 0.17 30.57 35.25
CA THR A 342 1.60 30.34 35.31
C THR A 342 2.01 29.34 34.23
N PHE A 343 1.24 28.27 34.10
CA PHE A 343 1.55 27.27 33.08
C PHE A 343 1.28 27.74 31.65
N TYR A 344 0.21 28.53 31.47
CA TYR A 344 -0.07 29.14 30.16
C TYR A 344 1.09 30.00 29.68
N GLU A 345 1.52 30.96 30.51
CA GLU A 345 2.61 31.83 30.14
C GLU A 345 3.90 31.06 29.94
N LYS A 346 4.12 30.03 30.78
CA LYS A 346 5.32 29.19 30.66
C LYS A 346 5.32 28.51 29.30
N GLY A 347 4.17 27.95 28.92
CA GLY A 347 4.01 27.25 27.65
C GLY A 347 4.30 28.14 26.45
N VAL A 348 3.74 29.36 26.48
CA VAL A 348 3.94 30.31 25.36
C VAL A 348 5.43 30.66 25.29
N ARG A 349 6.05 30.93 26.45
CA ARG A 349 7.49 31.29 26.43
C ARG A 349 8.38 30.12 25.97
N LEU A 350 8.03 28.90 26.37
CA LEU A 350 8.76 27.71 25.91
C LEU A 350 8.66 27.52 24.40
N SER A 351 7.49 27.81 23.86
CA SER A 351 7.23 27.64 22.43
C SER A 351 8.07 28.61 21.64
N PHE A 352 8.08 29.88 22.06
CA PHE A 352 8.94 30.86 21.44
C PHE A 352 10.39 30.42 21.54
N GLU A 353 10.82 30.04 22.74
CA GLU A 353 12.18 29.61 22.97
C GLU A 353 12.57 28.43 22.09
N GLU A 354 11.69 27.42 22.02
CA GLU A 354 11.94 26.23 21.23
C GLU A 354 12.31 26.57 19.79
N PHE A 355 11.63 27.56 19.23
CA PHE A 355 11.82 27.97 17.83
C PHE A 355 12.75 29.17 17.67
N GLY A 356 13.34 29.66 18.75
CA GLY A 356 14.31 30.77 18.67
C GLY A 356 13.72 32.12 18.31
N VAL A 357 12.47 32.29 18.71
CA VAL A 357 11.70 33.48 18.42
C VAL A 357 11.69 34.37 19.67
N SER A 358 11.86 35.66 19.44
CA SER A 358 11.82 36.66 20.49
C SER A 358 10.45 37.30 20.57
N GLY A 359 10.22 38.01 21.66
CA GLY A 359 9.02 38.83 21.79
C GLY A 359 7.84 38.25 22.54
N ALA A 360 8.08 37.20 23.30
CA ALA A 360 7.00 36.60 24.07
C ALA A 360 6.31 37.56 25.06
N ASP A 361 7.08 38.50 25.63
CA ASP A 361 6.56 39.44 26.64
C ASP A 361 5.47 40.28 26.04
N ASP A 362 5.77 40.90 24.90
CA ASP A 362 4.83 41.79 24.29
C ASP A 362 3.68 41.01 23.66
N TYR A 363 3.96 39.82 23.13
CA TYR A 363 2.90 38.91 22.67
C TYR A 363 1.91 38.59 23.78
N LEU A 364 2.42 38.27 24.96
CA LEU A 364 1.58 37.85 26.06
C LEU A 364 0.79 39.01 26.66
N ALA A 365 1.17 40.23 26.30
CA ALA A 365 0.48 41.45 26.72
C ALA A 365 -0.59 41.87 25.72
N ASP A 366 -0.77 41.11 24.65
CA ASP A 366 -1.73 41.47 23.59
C ASP A 366 -3.15 41.10 24.00
N ALA A 367 -3.95 42.11 24.36
CA ALA A 367 -5.33 41.91 24.76
C ALA A 367 -6.35 42.15 23.62
N THR A 368 -5.90 42.52 22.43
CA THR A 368 -6.81 43.05 21.40
C THR A 368 -6.92 42.16 20.15
N SER A 369 -5.80 41.55 19.76
CA SER A 369 -5.73 40.83 18.52
C SER A 369 -6.57 39.55 18.56
N ILE A 370 -7.30 39.28 17.49
CA ILE A 370 -8.14 38.07 17.44
C ILE A 370 -7.77 37.20 16.24
N PRO A 371 -8.16 35.93 16.28
CA PRO A 371 -7.79 35.05 15.18
C PRO A 371 -8.33 35.57 13.84
N GLY A 372 -7.51 35.46 12.80
CA GLY A 372 -7.80 36.05 11.50
C GLY A 372 -8.76 35.23 10.67
N ASN A 373 -9.49 35.92 9.81
CA ASN A 373 -10.31 35.23 8.84
C ASN A 373 -9.40 34.80 7.70
N TYR A 374 -9.88 33.88 6.88
CA TYR A 374 -9.09 33.38 5.79
C TYR A 374 -9.65 33.86 4.48
N VAL A 375 -8.78 34.37 3.61
CA VAL A 375 -9.15 34.69 2.22
C VAL A 375 -8.20 33.94 1.31
N ASP A 376 -8.74 33.45 0.20
CA ASP A 376 -7.95 32.82 -0.82
C ASP A 376 -8.07 33.61 -2.11
N ASN A 377 -7.18 34.60 -2.24
CA ASN A 377 -7.16 35.51 -3.37
C ASN A 377 -5.97 35.27 -4.29
N LEU A 378 -5.11 34.32 -3.95
CA LEU A 378 -3.85 34.17 -4.71
C LEU A 378 -4.11 33.65 -6.11
N ILE A 379 -5.07 32.75 -6.23
CA ILE A 379 -5.49 32.15 -7.50
C ILE A 379 -6.93 32.62 -7.72
N ALA A 380 -7.26 32.99 -8.95
CA ALA A 380 -8.58 33.48 -9.29
C ALA A 380 -9.64 32.39 -9.11
N GLY A 381 -10.83 32.83 -8.73
CA GLY A 381 -11.95 31.90 -8.62
C GLY A 381 -11.90 31.01 -7.38
N HIS A 382 -11.17 31.45 -6.34
CA HIS A 382 -11.01 30.62 -5.13
C HIS A 382 -11.75 31.17 -3.91
N THR A 383 -12.58 32.21 -4.08
CA THR A 383 -13.22 32.83 -2.92
C THR A 383 -14.23 31.93 -2.20
N GLY A 384 -14.62 30.81 -2.81
CA GLY A 384 -15.40 29.79 -2.13
C GLY A 384 -14.62 29.06 -1.03
N ASN A 385 -13.31 29.32 -0.97
CA ASN A 385 -12.47 28.84 0.11
C ASN A 385 -12.41 29.78 1.30
N ASN A 386 -12.94 31.00 1.15
CA ASN A 386 -12.84 31.97 2.21
C ASN A 386 -13.59 31.48 3.47
N TYR A 387 -13.09 31.83 4.65
CA TYR A 387 -13.66 31.32 5.88
C TYR A 387 -13.60 32.34 7.01
N THR A 388 -14.73 32.54 7.69
CA THR A 388 -14.82 33.39 8.87
C THR A 388 -14.40 32.59 10.11
N ASN A 389 -13.35 33.05 10.77
CA ASN A 389 -12.85 32.36 11.97
C ASN A 389 -13.90 32.39 13.05
N GLN A 390 -14.18 31.24 13.64
CA GLN A 390 -15.23 31.21 14.63
C GLN A 390 -14.68 31.49 16.01
N SER A 391 -13.35 31.64 16.14
CA SER A 391 -12.76 32.06 17.40
C SER A 391 -12.51 33.56 17.52
N SER A 392 -12.74 34.09 18.72
CA SER A 392 -12.43 35.48 19.00
CA SER A 392 -12.45 35.49 19.01
C SER A 392 -11.45 35.59 20.15
N ILE A 393 -10.81 34.46 20.48
CA ILE A 393 -9.99 34.38 21.69
C ILE A 393 -8.71 35.21 21.55
N THR A 394 -8.43 36.03 22.56
CA THR A 394 -7.26 36.86 22.57
C THR A 394 -6.15 36.19 23.36
N ILE A 395 -4.94 36.74 23.28
CA ILE A 395 -3.77 36.10 23.87
C ILE A 395 -3.57 36.33 25.36
N LYS A 396 -3.63 37.60 25.78
CA LYS A 396 -3.37 37.95 27.19
CA LYS A 396 -3.35 37.93 27.18
C LYS A 396 -4.28 37.20 28.12
N TRP A 397 -3.70 36.60 29.14
CA TRP A 397 -4.44 35.89 30.17
C TRP A 397 -5.36 36.85 30.94
N GLU A 398 -6.60 36.40 31.11
CA GLU A 398 -7.61 37.14 31.83
CA GLU A 398 -7.59 37.16 31.84
C GLU A 398 -8.13 36.30 32.99
N ASP A 399 -7.81 36.70 34.23
CA ASP A 399 -8.17 35.95 35.42
C ASP A 399 -9.71 35.84 35.61
N GLY A 400 -10.41 36.82 35.09
CA GLY A 400 -11.86 36.91 35.21
C GLY A 400 -12.64 36.29 34.06
N ALA A 401 -11.97 35.76 33.03
CA ALA A 401 -12.70 35.14 31.92
C ALA A 401 -13.52 33.96 32.40
N ASP A 402 -14.60 33.62 31.70
CA ASP A 402 -15.34 32.44 32.05
C ASP A 402 -14.55 31.14 31.69
N ASP A 403 -14.99 30.03 32.24
CA ASP A 403 -14.29 28.74 32.09
C ASP A 403 -14.04 28.37 30.63
N ALA A 404 -15.05 28.55 29.78
CA ALA A 404 -14.96 28.13 28.37
C ALA A 404 -13.90 28.97 27.66
N LYS A 405 -13.80 30.25 28.04
CA LYS A 405 -12.80 31.17 27.44
CA LYS A 405 -12.81 31.12 27.40
C LYS A 405 -11.38 30.84 27.92
N LYS A 406 -11.24 30.54 29.22
CA LYS A 406 -9.94 30.12 29.75
C LYS A 406 -9.46 28.85 29.05
N LEU A 407 -10.36 27.91 28.85
CA LEU A 407 -9.99 26.65 28.19
C LEU A 407 -9.60 26.88 26.74
N GLU A 408 -10.39 27.68 26.02
CA GLU A 408 -10.10 27.93 24.61
C GLU A 408 -8.76 28.66 24.46
N ARG A 409 -8.48 29.57 25.38
CA ARG A 409 -7.21 30.25 25.40
C ARG A 409 -6.04 29.30 25.56
N VAL A 410 -6.11 28.45 26.60
CA VAL A 410 -5.08 27.43 26.81
C VAL A 410 -4.89 26.52 25.56
N LEU A 411 -5.97 25.92 25.08
CA LEU A 411 -5.88 24.98 23.99
C LEU A 411 -5.53 25.61 22.63
N THR A 412 -5.91 26.85 22.41
CA THR A 412 -5.46 27.55 21.19
C THR A 412 -3.94 27.79 21.17
N GLN A 413 -3.38 28.36 22.25
CA GLN A 413 -1.92 28.54 22.31
C GLN A 413 -1.21 27.18 22.35
N LYS A 414 -1.80 26.19 23.00
CA LYS A 414 -1.20 24.86 22.99
C LYS A 414 -1.08 24.34 21.55
N TRP A 415 -2.16 24.54 20.79
CA TRP A 415 -2.25 24.07 19.42
C TRP A 415 -1.24 24.78 18.52
N ILE A 416 -1.04 26.08 18.75
CA ILE A 416 -0.05 26.82 17.98
C ILE A 416 1.35 26.34 18.35
N ALA A 417 1.57 26.07 19.63
CA ALA A 417 2.88 25.65 20.14
C ALA A 417 3.30 24.25 19.64
N CYS A 418 2.35 23.29 19.64
CA CYS A 418 2.68 21.91 19.30
C CYS A 418 2.58 21.78 17.80
N TYR A 419 3.66 22.19 17.11
CA TYR A 419 3.65 22.30 15.67
C TYR A 419 4.99 21.83 15.10
N PRO A 420 4.94 21.05 13.99
CA PRO A 420 3.81 20.36 13.38
C PRO A 420 3.48 19.08 14.18
N ASP A 421 2.22 18.91 14.55
CA ASP A 421 1.79 17.76 15.35
C ASP A 421 0.52 17.26 14.66
N PRO A 422 0.53 16.03 14.17
CA PRO A 422 -0.61 15.58 13.34
C PRO A 422 -1.90 15.36 14.08
N ASN A 424 -2.59 16.52 17.76
CA ASN A 424 -2.99 17.36 18.90
C ASN A 424 -4.26 18.15 18.64
N GLY A 425 -4.29 18.84 17.51
CA GLY A 425 -5.46 19.66 17.17
C GLY A 425 -6.75 18.85 17.07
N TRP A 426 -6.70 17.75 16.32
CA TRP A 426 -7.88 16.95 16.04
C TRP A 426 -8.38 16.30 17.34
N ALA A 427 -7.43 15.85 18.15
CA ALA A 427 -7.77 15.21 19.42
C ALA A 427 -8.41 16.20 20.39
N ASP A 428 -7.80 17.36 20.59
CA ASP A 428 -8.36 18.40 21.48
C ASP A 428 -9.69 18.92 20.95
N PHE A 429 -9.82 19.06 19.64
CA PHE A 429 -11.10 19.50 19.10
C PHE A 429 -12.22 18.43 19.38
N ARG A 430 -11.91 17.17 19.14
CA ARG A 430 -12.91 16.11 19.33
C ARG A 430 -13.26 16.02 20.81
N ARG A 431 -12.30 16.37 21.69
CA ARG A 431 -12.52 16.26 23.13
C ARG A 431 -13.27 17.46 23.71
N THR A 432 -13.00 18.67 23.20
CA THR A 432 -13.44 19.91 23.88
C THR A 432 -14.14 20.95 23.00
N GLY A 433 -14.03 20.80 21.68
CA GLY A 433 -14.42 21.82 20.71
C GLY A 433 -13.38 22.89 20.38
N TYR A 434 -12.22 22.83 21.05
CA TYR A 434 -11.13 23.77 20.85
C TYR A 434 -9.85 23.01 20.52
N PRO A 435 -8.95 23.59 19.70
CA PRO A 435 -9.14 24.79 18.91
C PRO A 435 -10.23 24.61 17.83
N ARG A 436 -10.80 25.71 17.37
CA ARG A 436 -11.87 25.68 16.39
C ARG A 436 -11.32 25.50 14.96
N ILE A 437 -10.97 24.25 14.68
CA ILE A 437 -10.35 23.87 13.41
CA ILE A 437 -10.34 23.90 13.41
C ILE A 437 -11.31 24.04 12.25
N PHE A 438 -10.85 24.70 11.20
CA PHE A 438 -11.69 24.90 10.03
C PHE A 438 -12.11 23.57 9.39
N PRO A 439 -13.43 23.35 9.24
CA PRO A 439 -13.88 22.10 8.59
C PRO A 439 -13.73 22.21 7.08
N ALA A 440 -13.93 21.10 6.39
CA ALA A 440 -14.05 21.07 4.96
C ALA A 440 -15.18 22.02 4.51
N THR A 441 -15.08 22.49 3.27
CA THR A 441 -16.18 23.23 2.66
C THR A 441 -17.45 22.36 2.57
N GLU A 442 -17.29 21.05 2.42
CA GLU A 442 -18.44 20.14 2.42
C GLU A 442 -17.98 18.78 2.89
N SER A 443 -18.92 18.00 3.41
CA SER A 443 -18.68 16.61 3.69
C SER A 443 -19.14 15.76 2.52
N ASN A 445 -19.29 12.46 3.09
CA ASN A 445 -19.66 11.28 3.87
C ASN A 445 -20.98 11.57 4.56
N ALA A 446 -21.95 10.67 4.37
CA ALA A 446 -23.26 10.84 4.95
C ALA A 446 -23.28 10.79 6.47
N ASP A 447 -22.27 10.19 7.08
CA ASP A 447 -22.22 10.11 8.53
C ASP A 447 -21.46 11.23 9.22
N CYS A 448 -20.85 12.14 8.43
CA CYS A 448 -20.09 13.26 9.01
C CYS A 448 -20.65 14.58 8.52
N ASN A 449 -20.71 15.55 9.42
CA ASN A 449 -21.11 16.92 9.07
C ASN A 449 -19.95 17.88 9.25
N THR A 450 -20.01 19.05 8.65
CA THR A 450 -18.91 20.00 8.80
C THR A 450 -18.84 20.64 10.22
N GLY A 451 -19.92 20.60 10.98
CA GLY A 451 -19.86 21.11 12.36
C GLY A 451 -18.88 20.36 13.24
N ARG A 452 -18.82 19.04 13.09
CA ARG A 452 -18.02 18.20 13.97
C ARG A 452 -16.89 17.47 13.26
N GLY A 453 -16.99 17.39 11.93
CA GLY A 453 -15.97 16.77 11.11
C GLY A 453 -15.95 15.24 11.22
N GLN A 454 -14.89 14.65 10.69
CA GLN A 454 -14.63 13.22 10.83
C GLN A 454 -14.27 12.93 12.27
N ARG A 455 -14.79 11.86 12.84
CA ARG A 455 -14.70 11.61 14.27
C ARG A 455 -13.68 10.50 14.62
N ARG A 456 -13.37 9.64 13.63
CA ARG A 456 -12.44 8.54 13.77
C ARG A 456 -12.08 7.94 12.41
N LEU A 457 -11.01 7.15 12.37
CA LEU A 457 -10.76 6.27 11.24
CA LEU A 457 -10.72 6.24 11.27
C LEU A 457 -11.49 4.93 11.52
N ARG A 458 -11.76 4.18 10.45
CA ARG A 458 -12.46 2.92 10.54
C ARG A 458 -11.46 1.77 10.67
N PHE A 459 -12.00 0.63 11.09
CA PHE A 459 -11.27 -0.64 11.14
C PHE A 459 -10.84 -1.00 9.68
N THR A 460 -9.75 -1.73 9.55
CA THR A 460 -9.17 -1.99 8.24
C THR A 460 -9.74 -3.19 7.49
N ARG A 461 -9.61 -3.16 6.16
CA ARG A 461 -10.06 -4.27 5.35
C ARG A 461 -9.29 -5.52 5.71
N SER A 462 -7.98 -5.39 6.01
CA SER A 462 -7.18 -6.59 6.32
C SER A 462 -7.69 -7.28 7.58
N GLU A 463 -8.22 -6.51 8.51
CA GLU A 463 -8.79 -7.08 9.72
C GLU A 463 -10.16 -7.77 9.47
N TYR A 464 -11.00 -7.14 8.68
CA TYR A 464 -12.24 -7.80 8.29
C TYR A 464 -11.98 -9.12 7.53
N ASN A 465 -10.88 -9.17 6.78
CA ASN A 465 -10.58 -10.31 5.94
C ASN A 465 -9.91 -11.45 6.73
N ASN A 466 -8.96 -11.11 7.59
CA ASN A 466 -8.13 -12.09 8.31
C ASN A 466 -8.37 -12.23 9.80
N ASN A 467 -9.14 -11.31 10.38
CA ASN A 467 -9.45 -11.35 11.79
C ASN A 467 -10.95 -11.03 11.97
N LYS A 468 -11.75 -11.67 11.13
CA LYS A 468 -13.16 -11.31 10.96
C LYS A 468 -14.04 -11.35 12.22
N ALA A 469 -14.04 -12.46 12.92
CA ALA A 469 -14.85 -12.61 14.12
C ALA A 469 -14.47 -11.54 15.17
N ASN A 470 -13.17 -11.28 15.35
CA ASN A 470 -12.80 -10.33 16.40
C ASN A 470 -13.09 -8.88 16.02
N VAL A 471 -12.85 -8.52 14.76
CA VAL A 471 -13.15 -7.16 14.33
C VAL A 471 -14.68 -6.91 14.35
N GLU A 472 -15.48 -7.91 13.99
CA GLU A 472 -16.94 -7.75 14.06
C GLU A 472 -17.44 -7.54 15.50
N ALA A 473 -16.81 -8.23 16.45
CA ALA A 473 -17.06 -8.01 17.87
C ALA A 473 -16.66 -6.62 18.31
N ALA A 474 -15.54 -6.12 17.76
CA ALA A 474 -15.06 -4.80 18.08
C ALA A 474 -16.02 -3.68 17.64
N VAL A 475 -16.77 -3.92 16.57
CA VAL A 475 -17.78 -2.98 16.09
C VAL A 475 -18.78 -2.68 17.20
N SER A 476 -19.18 -3.70 17.96
CA SER A 476 -20.15 -3.50 19.04
CA SER A 476 -20.12 -3.53 19.04
C SER A 476 -19.54 -2.76 20.23
N LEU A 478 -17.88 0.04 19.83
CA LEU A 478 -17.90 1.44 19.47
C LEU A 478 -19.12 2.08 20.09
N SER A 479 -19.01 3.38 20.34
CA SER A 479 -20.02 4.14 21.02
C SER A 479 -21.43 3.91 20.47
N ASN A 480 -21.60 3.96 19.14
CA ASN A 480 -22.90 3.72 18.53
C ASN A 480 -23.02 2.41 17.77
N GLY A 481 -22.08 1.50 17.99
CA GLY A 481 -22.15 0.19 17.33
C GLY A 481 -21.96 0.15 15.80
N LYS A 482 -21.37 1.19 15.23
CA LYS A 482 -21.20 1.30 13.79
C LYS A 482 -19.76 1.68 13.46
N ASP A 483 -19.13 0.94 12.56
CA ASP A 483 -17.76 1.24 12.13
C ASP A 483 -17.79 2.31 11.03
N SER A 484 -17.98 3.54 11.46
CA SER A 484 -18.15 4.72 10.63
C SER A 484 -17.11 5.78 10.90
N ASN A 485 -16.80 6.57 9.86
CA ASN A 485 -15.99 7.78 10.02
C ASN A 485 -16.61 8.78 11.00
N GLY A 486 -17.92 8.73 11.15
CA GLY A 486 -18.65 9.71 11.97
C GLY A 486 -18.99 9.27 13.40
N THR A 487 -18.59 8.05 13.75
CA THR A 487 -18.73 7.48 15.09
C THR A 487 -17.69 8.03 16.03
N ASP A 488 -18.16 8.46 17.20
CA ASP A 488 -17.29 9.00 18.23
C ASP A 488 -16.54 7.93 19.00
N LEU A 489 -15.29 8.27 19.28
CA LEU A 489 -14.47 7.52 20.21
C LEU A 489 -14.89 7.71 21.68
N TRP A 490 -14.38 6.81 22.53
CA TRP A 490 -14.85 6.67 23.91
C TRP A 490 -14.60 7.96 24.73
N TRP A 491 -13.47 8.59 24.45
CA TRP A 491 -13.02 9.78 25.14
C TRP A 491 -13.48 11.07 24.47
N ALA A 492 -14.07 10.99 23.28
CA ALA A 492 -14.45 12.21 22.53
C ALA A 492 -15.74 12.76 23.06
N LYS A 494 -19.45 13.75 22.77
CA LYS A 494 -20.51 13.23 21.93
C LYS A 494 -21.40 14.36 21.47
N GLU A 495 -22.30 14.02 20.56
CA GLU A 495 -23.18 15.02 19.92
C GLU A 495 -23.92 15.87 20.91
N ASN A 496 -24.35 15.26 22.02
CA ASN A 496 -25.10 15.96 23.07
C ASN A 496 -24.26 16.63 24.13
N GLY A 497 -22.95 16.75 23.91
CA GLY A 497 -22.09 17.41 24.83
C GLY A 497 -21.52 16.59 25.97
N THR A 498 -22.03 15.35 26.18
CA THR A 498 -21.55 14.47 27.27
C THR A 498 -20.38 13.63 26.74
N TYR A 499 -19.82 12.73 27.58
CA TYR A 499 -18.77 11.81 27.12
C TYR A 499 -19.24 10.37 27.27
N PRO B 16 26.03 -15.09 3.29
CA PRO B 16 26.14 -15.98 2.08
C PRO B 16 25.17 -15.52 0.97
N ALA B 17 25.71 -15.13 -0.19
CA ALA B 17 24.96 -14.45 -1.26
C ALA B 17 23.71 -15.20 -1.75
N SER B 18 23.74 -16.52 -1.67
CA SER B 18 22.61 -17.33 -2.07
C SER B 18 21.35 -16.98 -1.31
N ASN B 19 21.49 -16.57 -0.05
CA ASN B 19 20.31 -16.23 0.75
C ASN B 19 19.59 -15.00 0.20
N LEU B 20 20.30 -14.14 -0.56
CA LEU B 20 19.67 -12.96 -1.17
C LEU B 20 18.67 -13.34 -2.28
N LEU B 21 18.82 -14.54 -2.84
CA LEU B 21 17.94 -15.03 -3.90
C LEU B 21 16.53 -15.29 -3.34
N SER B 22 16.43 -15.67 -2.08
CA SER B 22 15.14 -16.06 -1.51
C SER B 22 14.07 -15.03 -1.68
N THR B 23 14.34 -13.78 -1.36
CA THR B 23 13.31 -12.76 -1.51
C THR B 23 13.02 -12.53 -3.00
N PHE B 25 13.04 -14.60 -5.47
CA PHE B 25 12.33 -15.74 -6.01
C PHE B 25 10.80 -15.59 -5.93
N ASN B 26 10.33 -14.69 -5.07
CA ASN B 26 8.93 -14.44 -4.99
C ASN B 26 8.29 -13.91 -6.29
N VAL B 27 9.08 -13.38 -7.21
CA VAL B 27 8.47 -12.91 -8.48
C VAL B 27 7.94 -14.07 -9.34
N TYR B 28 8.45 -15.29 -9.10
CA TYR B 28 8.07 -16.41 -9.96
C TYR B 28 6.61 -16.84 -9.80
N ALA B 29 6.08 -16.79 -8.58
CA ALA B 29 4.69 -17.25 -8.34
C ALA B 29 3.90 -16.33 -7.44
N CYS B 30 4.56 -15.41 -6.72
CA CYS B 30 3.89 -14.51 -5.75
C CYS B 30 2.98 -15.23 -4.74
N PRO B 31 3.56 -16.10 -3.92
CA PRO B 31 2.78 -16.82 -2.93
C PRO B 31 2.24 -16.07 -1.72
N GLN B 32 2.90 -14.98 -1.33
CA GLN B 32 2.44 -14.20 -0.18
C GLN B 32 1.05 -13.60 -0.49
N GLN B 33 0.16 -13.53 0.49
CA GLN B 33 -1.24 -13.31 0.18
C GLN B 33 -1.51 -12.02 -0.59
N ASN B 34 -0.86 -10.95 -0.18
CA ASN B 34 -1.03 -9.65 -0.84
C ASN B 34 -0.34 -9.62 -2.20
N ALA B 35 0.87 -10.18 -2.29
CA ALA B 35 1.53 -10.35 -3.62
C ALA B 35 0.63 -11.18 -4.57
N CYS B 36 0.06 -12.23 -4.02
CA CYS B 36 -0.83 -13.10 -4.79
C CYS B 36 -2.05 -12.34 -5.26
N GLN B 37 -2.69 -11.57 -4.37
CA GLN B 37 -3.84 -10.80 -4.84
C GLN B 37 -3.41 -9.81 -5.94
N GLU B 38 -2.36 -9.05 -5.68
CA GLU B 38 -1.93 -7.95 -6.58
C GLU B 38 -1.58 -8.48 -7.97
N ILE B 39 -0.82 -9.57 -8.02
CA ILE B 39 -0.28 -10.11 -9.28
C ILE B 39 -1.18 -11.19 -9.90
N ASN B 40 -1.76 -12.04 -9.07
CA ASN B 40 -2.55 -13.16 -9.54
C ASN B 40 -4.06 -12.98 -9.52
N CYS B 41 -4.59 -11.98 -8.82
CA CYS B 41 -6.05 -11.89 -8.61
C CYS B 41 -6.69 -10.48 -8.87
N TRP B 43 -5.61 -7.35 -11.97
CA TRP B 43 -5.58 -7.18 -13.42
C TRP B 43 -5.50 -8.55 -14.11
N ALA B 44 -5.07 -9.57 -13.37
CA ALA B 44 -5.05 -10.96 -13.88
C ALA B 44 -6.41 -11.40 -14.44
N SER B 45 -7.52 -10.82 -14.01
CA SER B 45 -8.82 -11.17 -14.57
CA SER B 45 -8.84 -11.13 -14.57
C SER B 45 -8.90 -10.89 -16.08
N PHE B 46 -8.03 -10.02 -16.60
CA PHE B 46 -7.95 -9.76 -18.03
C PHE B 46 -7.47 -11.01 -18.82
N SER B 47 -6.97 -12.00 -18.10
CA SER B 47 -6.55 -13.28 -18.70
C SER B 47 -7.65 -14.33 -18.74
N GLY B 48 -8.80 -14.00 -18.18
CA GLY B 48 -9.98 -14.84 -18.31
C GLY B 48 -10.10 -16.11 -17.49
N GLN B 49 -9.20 -16.32 -16.51
CA GLN B 49 -9.20 -17.50 -15.67
C GLN B 49 -9.69 -17.27 -14.24
N VAL B 50 -9.39 -16.10 -13.68
CA VAL B 50 -9.86 -15.71 -12.36
C VAL B 50 -10.67 -14.44 -12.46
N THR B 51 -11.58 -14.27 -11.51
CA THR B 51 -12.39 -13.07 -11.35
C THR B 51 -12.26 -12.56 -9.90
N ALA B 52 -11.97 -11.27 -9.78
CA ALA B 52 -11.97 -10.59 -8.45
C ALA B 52 -13.39 -10.24 -8.07
N THR B 53 -13.88 -10.79 -6.95
N THR B 53 -13.88 -10.86 -6.99
CA THR B 53 -15.30 -10.67 -6.60
CA THR B 53 -15.24 -10.67 -6.51
C THR B 53 -15.61 -9.47 -5.67
C THR B 53 -15.20 -9.72 -5.32
N ALA B 54 -14.68 -8.53 -5.56
CA ALA B 54 -14.74 -7.46 -4.59
C ALA B 54 -14.83 -6.16 -5.38
N ASN B 55 -15.24 -5.07 -4.73
CA ASN B 55 -15.08 -3.74 -5.34
C ASN B 55 -14.39 -2.71 -4.45
N TRP B 56 -14.01 -3.09 -3.24
CA TRP B 56 -13.19 -2.23 -2.37
C TRP B 56 -13.79 -0.83 -2.17
N SER B 57 -15.11 -0.76 -2.07
CA SER B 57 -15.90 0.47 -1.94
C SER B 57 -15.74 1.45 -3.12
N PHE B 58 -15.32 0.94 -4.28
CA PHE B 58 -15.08 1.80 -5.44
C PHE B 58 -16.17 1.61 -6.50
N GLY B 59 -17.10 0.68 -6.27
CA GLY B 59 -18.14 0.41 -7.26
C GLY B 59 -17.48 -0.17 -8.52
N LYS B 60 -17.71 0.47 -9.65
CA LYS B 60 -17.15 -0.03 -10.88
C LYS B 60 -15.82 0.66 -11.30
N ASN B 61 -15.25 1.53 -10.45
CA ASN B 61 -13.92 2.15 -10.71
C ASN B 61 -12.84 1.24 -10.14
N ILE B 62 -12.72 0.10 -10.82
CA ILE B 62 -11.80 -0.96 -10.48
C ILE B 62 -11.24 -1.58 -11.77
N PHE B 63 -10.26 -2.45 -11.62
CA PHE B 63 -9.59 -3.05 -12.79
C PHE B 63 -10.62 -3.73 -13.69
N ALA B 64 -11.60 -4.42 -13.11
CA ALA B 64 -12.48 -5.27 -13.94
C ALA B 64 -13.19 -4.47 -15.02
N TYR B 65 -13.43 -3.17 -14.79
CA TYR B 65 -14.03 -2.26 -15.78
C TYR B 65 -13.05 -1.26 -16.41
N TYR B 66 -11.78 -1.55 -16.23
CA TYR B 66 -10.66 -0.85 -16.88
C TYR B 66 -10.38 0.51 -16.26
N ASN B 67 -10.76 0.72 -14.99
CA ASN B 67 -10.61 2.03 -14.37
C ASN B 67 -10.18 1.94 -12.89
N ALA B 68 -9.11 1.22 -12.65
CA ALA B 68 -8.55 1.07 -11.31
C ALA B 68 -8.06 2.39 -10.70
N SER B 69 -8.11 2.43 -9.37
CA SER B 69 -7.48 3.47 -8.61
C SER B 69 -5.98 3.51 -8.89
N GLU B 70 -5.36 4.63 -8.54
CA GLU B 70 -3.89 4.70 -8.55
C GLU B 70 -3.25 3.60 -7.69
N GLY B 71 -3.75 3.42 -6.46
CA GLY B 71 -3.21 2.40 -5.57
C GLY B 71 -3.24 0.98 -6.13
N HIS B 72 -4.36 0.63 -6.74
CA HIS B 72 -4.45 -0.67 -7.38
C HIS B 72 -3.53 -0.75 -8.59
N ASN B 73 -3.59 0.24 -9.48
CA ASN B 73 -2.71 0.25 -10.65
C ASN B 73 -1.25 0.07 -10.28
N ASP B 74 -0.80 0.81 -9.26
CA ASP B 74 0.62 0.90 -8.94
C ASP B 74 1.14 -0.32 -8.15
N SER B 75 0.24 -1.22 -7.74
CA SER B 75 0.66 -2.35 -6.90
C SER B 75 1.76 -3.20 -7.50
N SER B 76 1.66 -3.50 -8.78
CA SER B 76 2.54 -4.47 -9.39
C SER B 76 3.98 -3.94 -9.45
N TRP B 77 4.12 -2.68 -9.83
CA TRP B 77 5.43 -2.04 -9.81
C TRP B 77 6.09 -2.20 -8.43
N GLY B 78 5.38 -1.81 -7.38
CA GLY B 78 5.95 -1.87 -6.04
C GLY B 78 6.32 -3.29 -5.61
N ARG B 79 5.45 -4.22 -5.92
CA ARG B 79 5.66 -5.62 -5.52
C ARG B 79 6.91 -6.19 -6.19
N LEU B 80 7.00 -5.99 -7.51
CA LEU B 80 8.06 -6.62 -8.31
C LEU B 80 9.41 -5.93 -8.08
N TYR B 81 9.43 -4.58 -8.05
CA TYR B 81 10.65 -3.89 -7.66
CA TYR B 81 10.61 -3.85 -7.62
C TYR B 81 11.05 -4.25 -6.23
N GLY B 82 10.09 -4.39 -5.33
CA GLY B 82 10.41 -4.66 -3.92
C GLY B 82 11.18 -5.97 -3.81
N TYR B 83 10.78 -7.00 -4.56
CA TYR B 83 11.47 -8.29 -4.49
C TYR B 83 12.85 -8.30 -5.16
N ILE B 84 12.97 -7.65 -6.31
CA ILE B 84 14.18 -7.71 -7.12
C ILE B 84 15.32 -6.85 -6.61
N TYR B 85 14.99 -5.66 -6.10
CA TYR B 85 15.96 -4.70 -5.61
C TYR B 85 15.75 -4.40 -4.13
N PRO B 86 16.85 -4.21 -3.38
CA PRO B 86 18.21 -4.18 -3.82
C PRO B 86 18.95 -5.53 -3.94
N SER B 87 18.28 -6.66 -3.74
CA SER B 87 19.00 -7.89 -3.67
C SER B 87 19.84 -8.12 -4.93
N PHE B 88 19.33 -7.72 -6.10
CA PHE B 88 20.03 -7.98 -7.37
C PHE B 88 21.41 -7.34 -7.32
N PHE B 89 21.49 -6.10 -6.84
CA PHE B 89 22.80 -5.44 -6.75
C PHE B 89 23.73 -6.06 -5.73
N LEU B 90 23.16 -6.53 -4.63
CA LEU B 90 23.94 -7.11 -3.53
C LEU B 90 24.55 -8.43 -4.04
N VAL B 91 23.76 -9.19 -4.82
CA VAL B 91 24.31 -10.40 -5.46
C VAL B 91 25.35 -10.02 -6.51
N GLU B 92 25.07 -9.03 -7.33
CA GLU B 92 25.98 -8.63 -8.38
C GLU B 92 27.35 -8.24 -7.77
N ASN B 93 27.33 -7.49 -6.68
CA ASN B 93 28.60 -7.06 -6.03
C ASN B 93 29.36 -8.17 -5.36
N SER B 94 28.63 -8.99 -4.62
CA SER B 94 29.22 -10.08 -3.86
C SER B 94 29.86 -11.16 -4.73
N THR B 95 29.19 -11.51 -5.82
CA THR B 95 29.64 -12.57 -6.72
C THR B 95 30.54 -12.07 -7.85
N GLU B 96 30.74 -10.75 -7.91
CA GLU B 96 31.55 -10.13 -8.96
CA GLU B 96 31.54 -10.11 -8.97
C GLU B 96 31.09 -10.56 -10.36
N LYS B 97 29.78 -10.65 -10.55
CA LYS B 97 29.20 -10.96 -11.85
C LYS B 97 29.63 -12.29 -12.43
N LYS B 98 29.80 -13.29 -11.57
CA LYS B 98 30.24 -14.62 -11.96
C LYS B 98 29.54 -15.69 -11.16
N GLY B 99 29.29 -16.82 -11.80
CA GLY B 99 28.86 -18.01 -11.08
C GLY B 99 27.35 -18.22 -11.12
N VAL B 100 26.93 -19.34 -10.56
CA VAL B 100 25.51 -19.75 -10.61
C VAL B 100 24.57 -18.81 -9.85
N ILE B 101 25.03 -18.27 -8.71
CA ILE B 101 24.13 -17.45 -7.90
C ILE B 101 23.89 -16.16 -8.66
N TYR B 102 24.92 -15.64 -9.31
CA TYR B 102 24.73 -14.48 -10.20
C TYR B 102 23.77 -14.79 -11.36
N ALA B 103 23.95 -15.93 -12.02
CA ALA B 103 23.08 -16.36 -13.12
C ALA B 103 21.63 -16.39 -12.63
N ALA B 105 20.30 -14.75 -10.00
CA ALA B 105 19.84 -13.35 -9.77
C ALA B 105 19.47 -12.67 -11.12
N GLN B 106 20.28 -12.88 -12.16
CA GLN B 106 19.98 -12.36 -13.49
C GLN B 106 18.67 -12.93 -14.07
N LEU B 107 18.54 -14.25 -14.04
CA LEU B 107 17.33 -14.95 -14.48
C LEU B 107 16.05 -14.50 -13.73
N THR B 108 16.16 -14.33 -12.41
CA THR B 108 15.05 -13.94 -11.60
C THR B 108 14.67 -12.48 -11.85
N ARG B 109 15.63 -11.57 -11.97
CA ARG B 109 15.35 -10.19 -12.38
C ARG B 109 14.66 -10.14 -13.75
N VAL B 110 15.20 -10.90 -14.73
CA VAL B 110 14.55 -10.93 -16.06
C VAL B 110 13.11 -11.41 -15.92
N TYR B 111 12.89 -12.47 -15.15
CA TYR B 111 11.52 -12.99 -14.99
C TYR B 111 10.56 -11.93 -14.44
N GLY B 112 10.97 -11.21 -13.39
CA GLY B 112 10.08 -10.23 -12.82
C GLY B 112 9.90 -9.04 -13.73
N GLN B 114 10.33 -8.86 -17.10
CA GLN B 114 9.57 -9.12 -18.33
C GLN B 114 8.08 -9.04 -18.03
N LEU B 115 7.68 -9.48 -16.83
CA LEU B 115 6.28 -9.33 -16.40
C LEU B 115 5.93 -7.84 -16.31
N LEU B 116 6.78 -7.05 -15.64
CA LEU B 116 6.47 -5.64 -15.49
C LEU B 116 6.49 -4.87 -16.85
N ALA B 117 7.42 -5.20 -17.74
CA ALA B 117 7.43 -4.63 -19.10
C ALA B 117 6.17 -5.03 -19.88
N SER B 118 5.65 -6.23 -19.59
CA SER B 118 4.44 -6.71 -20.28
C SER B 118 3.16 -6.08 -19.69
N LEU B 119 3.34 -5.42 -18.56
CA LEU B 119 2.26 -4.69 -17.90
C LEU B 119 2.23 -3.23 -18.33
N GLN B 120 3.32 -2.50 -18.07
CA GLN B 120 3.37 -1.05 -18.29
C GLN B 120 4.17 -0.55 -19.48
N GLY B 121 5.02 -1.42 -20.04
CA GLY B 121 5.89 -0.96 -21.14
C GLY B 121 7.25 -0.50 -20.68
N PRO B 122 7.65 0.76 -20.98
CA PRO B 122 8.96 1.25 -20.57
C PRO B 122 9.16 1.07 -19.05
N ILE B 123 10.35 0.60 -18.66
CA ILE B 123 10.75 0.48 -17.26
C ILE B 123 12.23 0.86 -17.19
N PRO B 124 12.69 1.36 -16.01
CA PRO B 124 14.14 1.48 -15.78
C PRO B 124 14.72 0.08 -15.59
N TYR B 125 15.75 -0.22 -16.33
CA TYR B 125 16.38 -1.52 -16.32
C TYR B 125 17.89 -1.38 -16.56
N THR B 126 18.29 -1.00 -17.76
CA THR B 126 19.75 -0.86 -18.06
C THR B 126 20.43 0.18 -17.16
N GLN B 127 19.72 1.25 -16.77
CA GLN B 127 20.34 2.31 -15.98
CA GLN B 127 20.31 2.34 -15.97
C GLN B 127 19.99 2.26 -14.49
N LYS B 129 20.80 1.51 -10.81
CA LYS B 129 22.05 1.44 -10.01
C LYS B 129 21.68 1.37 -8.56
N ALA B 130 22.52 0.78 -7.74
CA ALA B 130 22.24 0.65 -6.29
C ALA B 130 21.80 1.96 -5.59
N GLY B 131 20.62 1.94 -4.98
CA GLY B 131 20.06 3.12 -4.24
C GLY B 131 19.71 4.44 -4.96
N GLU B 132 19.92 4.53 -6.28
CA GLU B 132 19.48 5.70 -7.07
C GLU B 132 18.00 5.53 -7.40
N THR B 133 17.16 6.44 -6.91
CA THR B 133 15.73 6.42 -7.22
C THR B 133 15.39 7.29 -8.44
N GLU B 134 16.40 7.86 -9.13
CA GLU B 134 16.13 8.64 -10.32
C GLU B 134 16.72 8.00 -11.56
N ALA B 135 16.30 6.77 -11.85
CA ALA B 135 16.79 6.00 -13.00
C ALA B 135 16.04 6.36 -14.30
N PRO B 136 16.75 6.68 -15.37
CA PRO B 136 16.04 6.75 -16.64
C PRO B 136 15.41 5.44 -17.06
N TYR B 137 14.34 5.56 -17.84
CA TYR B 137 13.58 4.41 -18.31
C TYR B 137 14.17 3.97 -19.64
N ASP B 138 14.17 2.66 -19.88
CA ASP B 138 14.43 2.12 -21.22
C ASP B 138 13.15 2.15 -22.03
N ASN B 139 13.25 2.42 -23.31
CA ASN B 139 12.09 2.20 -24.17
C ASN B 139 11.90 0.69 -24.31
N GLU B 140 10.76 0.30 -24.83
CA GLU B 140 10.43 -1.13 -24.84
C GLU B 140 11.40 -1.96 -25.65
N GLN B 141 11.80 -1.46 -26.83
CA GLN B 141 12.74 -2.20 -27.65
C GLN B 141 14.04 -2.42 -26.87
N THR B 142 14.51 -1.38 -26.19
CA THR B 142 15.73 -1.44 -25.38
C THR B 142 15.66 -2.45 -24.23
N VAL B 143 14.58 -2.41 -23.47
CA VAL B 143 14.50 -3.28 -22.30
C VAL B 143 14.33 -4.73 -22.72
N TRP B 144 13.52 -5.00 -23.75
CA TRP B 144 13.36 -6.38 -24.24
C TRP B 144 14.70 -6.94 -24.74
N HIS B 145 15.40 -6.17 -25.55
CA HIS B 145 16.73 -6.61 -25.99
C HIS B 145 17.72 -6.80 -24.85
N ALA B 146 17.69 -5.92 -23.85
CA ALA B 146 18.63 -5.99 -22.73
C ALA B 146 18.33 -7.22 -21.85
N PHE B 148 16.93 -9.98 -23.01
CA PHE B 148 17.44 -11.12 -23.74
C PHE B 148 18.97 -11.28 -23.54
N ASP B 149 19.70 -10.17 -23.52
CA ASP B 149 21.13 -10.24 -23.35
C ASP B 149 21.53 -10.79 -21.98
N ASP B 150 20.83 -10.34 -20.95
CA ASP B 150 21.09 -10.78 -19.58
C ASP B 150 20.70 -12.23 -19.40
N LEU B 151 19.56 -12.60 -19.98
CA LEU B 151 19.15 -13.99 -20.01
C LEU B 151 20.17 -14.87 -20.72
N ASP B 152 20.65 -14.42 -21.86
CA ASP B 152 21.72 -15.15 -22.56
C ASP B 152 22.93 -15.34 -21.68
N ASN B 153 23.29 -14.31 -20.92
CA ASN B 153 24.40 -14.46 -19.99
C ASN B 153 24.15 -15.54 -18.92
N ALA B 154 22.93 -15.54 -18.35
CA ALA B 154 22.56 -16.51 -17.31
C ALA B 154 22.57 -17.92 -17.89
N ILE B 155 22.13 -18.05 -19.14
CA ILE B 155 22.09 -19.33 -19.83
C ILE B 155 23.52 -19.85 -20.04
N THR B 156 24.46 -19.00 -20.44
CA THR B 156 25.84 -19.46 -20.63
C THR B 156 26.39 -20.06 -19.33
N ILE B 157 26.15 -19.38 -18.22
CA ILE B 157 26.56 -19.89 -16.92
C ILE B 157 25.85 -21.17 -16.52
N LEU B 158 24.54 -21.23 -16.67
CA LEU B 158 23.81 -22.41 -16.23
C LEU B 158 24.14 -23.63 -17.10
N LYS B 159 24.41 -23.41 -18.37
CA LYS B 159 24.73 -24.46 -19.29
C LYS B 159 26.04 -25.14 -18.86
N SER B 160 27.08 -24.35 -18.59
CA SER B 160 28.27 -24.91 -18.02
C SER B 160 28.01 -25.62 -16.67
N ALA B 161 27.25 -24.99 -15.78
CA ALA B 161 26.95 -25.59 -14.47
C ALA B 161 26.10 -26.86 -14.59
N ALA B 162 25.30 -27.00 -15.65
CA ALA B 162 24.44 -28.18 -15.79
C ALA B 162 25.30 -29.45 -15.91
N THR B 163 26.54 -29.30 -16.36
CA THR B 163 27.44 -30.42 -16.55
C THR B 163 27.96 -31.00 -15.23
N PHE B 164 27.92 -30.20 -14.16
CA PHE B 164 28.35 -30.66 -12.84
C PHE B 164 27.18 -31.10 -11.96
N GLY B 165 25.97 -31.14 -12.54
CA GLY B 165 24.71 -31.52 -11.84
C GLY B 165 24.04 -30.50 -10.91
N VAL B 166 24.03 -30.85 -9.61
CA VAL B 166 23.38 -30.09 -8.55
C VAL B 166 24.42 -29.17 -7.93
N ASN B 167 24.15 -27.87 -7.97
CA ASN B 167 24.97 -26.85 -7.35
C ASN B 167 24.58 -26.77 -5.90
N GLN B 168 25.54 -27.07 -5.03
CA GLN B 168 25.22 -27.23 -3.62
C GLN B 168 24.80 -25.95 -2.91
N ASP B 169 25.39 -24.80 -3.27
CA ASP B 169 25.03 -23.53 -2.68
CA ASP B 169 24.96 -23.54 -2.60
C ASP B 169 23.58 -23.18 -3.06
N LEU B 170 23.26 -23.36 -4.35
CA LEU B 170 21.90 -23.05 -4.81
C LEU B 170 20.87 -23.99 -4.15
N ALA B 171 21.24 -25.26 -3.96
CA ALA B 171 20.30 -26.25 -3.38
C ALA B 171 19.75 -25.83 -2.02
N VAL B 172 20.54 -25.08 -1.26
CA VAL B 172 20.12 -24.68 0.10
C VAL B 172 18.88 -23.79 0.04
N VAL B 173 18.79 -22.93 -0.98
CA VAL B 173 17.70 -21.96 -1.07
C VAL B 173 16.65 -22.20 -2.19
N ASP B 174 16.86 -23.21 -3.04
CA ASP B 174 16.09 -23.39 -4.26
C ASP B 174 14.94 -24.37 -4.07
N GLN B 175 13.78 -23.83 -3.74
CA GLN B 175 12.60 -24.65 -3.59
C GLN B 175 11.99 -25.12 -4.94
N PHE B 176 12.50 -24.62 -6.07
CA PHE B 176 11.93 -24.95 -7.36
C PHE B 176 12.51 -26.25 -7.86
N TYR B 177 13.83 -26.32 -7.87
CA TYR B 177 14.54 -27.44 -8.45
C TYR B 177 15.67 -28.01 -7.59
N LYS B 178 15.79 -27.56 -6.35
CA LYS B 178 16.79 -28.08 -5.43
C LYS B 178 18.20 -28.03 -5.99
N GLY B 179 18.52 -26.96 -6.72
CA GLY B 179 19.89 -26.76 -7.21
C GLY B 179 20.26 -27.45 -8.51
N ASP B 180 19.29 -28.12 -9.15
CA ASP B 180 19.55 -28.82 -10.39
C ASP B 180 19.61 -27.82 -11.55
N CYS B 181 20.83 -27.48 -11.97
CA CYS B 181 21.00 -26.51 -13.01
C CYS B 181 20.53 -27.01 -14.39
N SER B 182 20.41 -28.33 -14.59
CA SER B 182 19.84 -28.84 -15.85
CA SER B 182 19.84 -28.84 -15.85
C SER B 182 18.37 -28.43 -15.95
N LYS B 183 17.67 -28.43 -14.82
CA LYS B 183 16.27 -28.01 -14.78
C LYS B 183 16.18 -26.48 -14.97
N TRP B 184 17.07 -25.73 -14.33
CA TRP B 184 17.08 -24.29 -14.54
C TRP B 184 17.42 -23.93 -15.98
N LEU B 185 18.30 -24.68 -16.61
CA LEU B 185 18.63 -24.38 -18.00
C LEU B 185 17.42 -24.54 -18.92
N LYS B 186 16.63 -25.60 -18.70
CA LYS B 186 15.39 -25.78 -19.45
C LYS B 186 14.40 -24.66 -19.18
N PHE B 187 14.29 -24.27 -17.93
CA PHE B 187 13.44 -23.16 -17.53
C PHE B 187 13.88 -21.89 -18.26
N ALA B 188 15.18 -21.60 -18.23
CA ALA B 188 15.69 -20.36 -18.82
C ALA B 188 15.47 -20.30 -20.33
N ASN B 189 15.74 -21.41 -21.04
CA ASN B 189 15.42 -21.47 -22.46
C ASN B 189 13.92 -21.38 -22.77
N THR B 190 13.09 -21.98 -21.93
CA THR B 190 11.65 -21.87 -22.14
C THR B 190 11.19 -20.41 -21.96
N LEU B 191 11.70 -19.73 -20.94
CA LEU B 191 11.46 -18.28 -20.78
C LEU B 191 11.91 -17.50 -22.00
N LYS B 192 13.09 -17.83 -22.53
CA LYS B 192 13.60 -17.14 -23.72
C LYS B 192 12.65 -17.32 -24.88
N LEU B 193 12.09 -18.52 -24.97
CA LEU B 193 11.09 -18.82 -26.03
C LEU B 193 9.77 -18.05 -25.80
N ARG B 194 9.35 -17.93 -24.55
CA ARG B 194 8.11 -17.19 -24.23
C ARG B 194 8.29 -15.73 -24.62
N ALA B 196 10.49 -14.49 -26.82
CA ALA B 196 10.61 -14.37 -28.26
C ALA B 196 9.25 -14.36 -28.97
N ILE B 197 8.39 -15.28 -28.61
CA ILE B 197 7.00 -15.28 -29.11
C ILE B 197 6.28 -13.99 -28.73
N ARG B 198 6.50 -13.51 -27.52
CA ARG B 198 5.83 -12.27 -27.13
C ARG B 198 6.18 -11.08 -28.01
N ILE B 199 7.42 -10.98 -28.48
CA ILE B 199 7.85 -9.84 -29.28
C ILE B 199 7.87 -10.15 -30.77
N SER B 200 7.29 -11.26 -31.16
CA SER B 200 7.43 -11.74 -32.53
C SER B 200 6.62 -10.95 -33.55
N GLY B 201 5.57 -10.27 -33.09
CA GLY B 201 4.74 -9.47 -34.02
C GLY B 201 5.54 -8.23 -34.45
N VAL B 202 6.19 -7.60 -33.48
CA VAL B 202 6.87 -6.33 -33.73
C VAL B 202 8.27 -6.56 -34.30
N GLU B 203 8.96 -7.64 -33.87
CA GLU B 203 10.30 -7.98 -34.39
C GLU B 203 10.39 -9.44 -34.83
N PRO B 204 9.81 -9.76 -35.98
CA PRO B 204 9.74 -11.17 -36.35
C PRO B 204 11.08 -11.84 -36.59
N GLU B 205 12.06 -11.12 -37.13
CA GLU B 205 13.36 -11.74 -37.48
C GLU B 205 14.19 -11.95 -36.21
N TYR B 206 14.31 -10.92 -35.38
CA TYR B 206 15.03 -11.03 -34.12
C TYR B 206 14.41 -12.13 -33.24
N ALA B 207 13.07 -12.17 -33.18
CA ALA B 207 12.33 -13.14 -32.38
C ALA B 207 12.62 -14.56 -32.86
N GLN B 208 12.62 -14.74 -34.18
CA GLN B 208 12.85 -16.09 -34.76
C GLN B 208 14.20 -16.61 -34.31
N THR B 209 15.22 -15.76 -34.37
CA THR B 209 16.57 -16.13 -34.01
C THR B 209 16.66 -16.53 -32.53
N LYS B 210 16.10 -15.70 -31.66
CA LYS B 210 16.07 -16.05 -30.23
C LYS B 210 15.28 -17.35 -29.96
N ALA B 211 14.15 -17.53 -30.61
CA ALA B 211 13.32 -18.71 -30.42
C ALA B 211 14.11 -19.97 -30.80
N GLN B 212 14.81 -19.90 -31.94
CA GLN B 212 15.52 -21.04 -32.47
C GLN B 212 16.73 -21.40 -31.61
N GLU B 213 17.37 -20.39 -31.04
CA GLU B 213 18.47 -20.63 -30.09
C GLU B 213 17.92 -21.37 -28.86
N ALA B 214 16.75 -20.92 -28.41
CA ALA B 214 16.14 -21.48 -27.21
C ALA B 214 15.82 -22.98 -27.43
N VAL B 215 15.28 -23.27 -28.60
CA VAL B 215 14.96 -24.65 -28.97
C VAL B 215 16.21 -25.54 -29.03
N LEU B 216 17.32 -25.03 -29.58
CA LEU B 216 18.54 -25.84 -29.59
C LEU B 216 19.17 -25.92 -28.20
N GLY B 217 18.95 -24.89 -27.39
CA GLY B 217 19.43 -24.84 -26.03
C GLY B 217 18.80 -25.93 -25.20
N GLY B 218 17.49 -26.13 -25.44
CA GLY B 218 16.68 -27.18 -24.79
C GLY B 218 15.65 -26.59 -23.86
N VAL B 219 14.39 -26.79 -24.23
CA VAL B 219 13.25 -26.34 -23.44
C VAL B 219 12.69 -27.46 -22.58
N GLU B 221 10.40 -30.42 -21.55
CA GLU B 221 9.86 -31.54 -22.35
C GLU B 221 8.93 -32.50 -21.63
N SER B 222 8.96 -32.51 -20.30
CA SER B 222 8.19 -33.47 -19.50
CA SER B 222 8.15 -33.45 -19.53
C SER B 222 7.67 -32.80 -18.24
N VAL B 223 6.64 -33.39 -17.64
CA VAL B 223 6.01 -32.82 -16.46
C VAL B 223 7.00 -32.62 -15.32
N GLY B 224 8.01 -33.48 -15.23
CA GLY B 224 9.06 -33.33 -14.20
C GLY B 224 9.90 -32.07 -14.35
N ASP B 225 9.82 -31.45 -15.51
CA ASP B 225 10.52 -30.21 -15.77
C ASP B 225 9.80 -28.95 -15.26
N SER B 226 8.49 -29.03 -14.97
CA SER B 226 7.70 -27.88 -14.59
C SER B 226 8.20 -27.26 -13.28
N SER B 227 8.01 -25.95 -13.19
CA SER B 227 8.46 -25.21 -12.00
C SER B 227 7.26 -24.84 -11.12
N TYR B 228 7.37 -25.21 -9.85
CA TYR B 228 6.47 -24.79 -8.80
C TYR B 228 7.22 -24.18 -7.62
N ASP B 229 6.59 -23.22 -6.94
CA ASP B 229 7.16 -22.69 -5.70
C ASP B 229 6.79 -23.68 -4.59
N THR B 230 7.60 -24.69 -4.39
CA THR B 230 7.16 -25.84 -3.62
C THR B 230 6.89 -25.55 -2.15
N THR B 231 7.58 -24.57 -1.57
CA THR B 231 7.42 -24.15 -0.19
C THR B 231 6.50 -22.90 -0.06
N ASN B 232 5.94 -22.46 -1.17
CA ASN B 232 5.16 -21.21 -1.22
C ASN B 232 5.95 -20.08 -0.54
N GLY B 233 7.20 -19.91 -0.98
CA GLY B 233 8.04 -18.81 -0.50
C GLY B 233 8.41 -18.94 0.95
N GLY B 234 8.46 -20.18 1.43
CA GLY B 234 8.70 -20.47 2.84
C GLY B 234 7.53 -20.27 3.79
N ILE B 235 6.39 -19.87 3.23
CA ILE B 235 5.18 -19.62 4.00
C ILE B 235 4.45 -20.94 4.21
N ASN B 236 4.65 -21.86 3.27
CA ASN B 236 4.13 -23.25 3.34
C ASN B 236 2.60 -23.32 3.22
N GLU B 237 2.01 -22.22 2.78
CA GLU B 237 0.60 -22.20 2.46
C GLU B 237 0.41 -21.16 1.38
N ASN B 238 -0.54 -21.39 0.49
CA ASN B 238 -0.55 -20.54 -0.70
C ASN B 238 -1.47 -19.34 -0.56
N GLY B 239 -1.15 -18.31 -1.34
CA GLY B 239 -1.88 -17.07 -1.32
C GLY B 239 -3.29 -17.17 -1.84
N TYR B 240 -3.50 -18.03 -2.84
CA TYR B 240 -4.83 -18.18 -3.41
C TYR B 240 -5.81 -18.65 -2.35
N ALA B 241 -5.40 -19.56 -1.47
CA ALA B 241 -6.29 -20.10 -0.41
C ALA B 241 -6.71 -18.99 0.50
N ILE B 242 -5.80 -18.07 0.78
CA ILE B 242 -6.14 -16.92 1.67
C ILE B 242 -7.11 -15.96 0.95
N VAL B 243 -6.73 -15.52 -0.26
CA VAL B 243 -7.59 -14.59 -1.01
C VAL B 243 -8.98 -15.19 -1.30
N SER B 244 -9.02 -16.47 -1.68
CA SER B 244 -10.29 -17.17 -1.94
C SER B 244 -11.14 -17.28 -0.69
N GLY B 245 -10.52 -17.43 0.47
CA GLY B 245 -11.28 -17.59 1.70
C GLY B 245 -11.88 -16.28 2.21
N TRP B 246 -11.37 -15.12 1.78
CA TRP B 246 -11.90 -13.81 2.20
C TRP B 246 -13.44 -13.61 2.09
N PRO B 247 -14.06 -13.87 0.91
CA PRO B 247 -13.55 -14.27 -0.39
C PRO B 247 -13.37 -13.06 -1.30
N GLU B 248 -12.32 -13.04 -2.13
CA GLU B 248 -12.14 -11.99 -3.12
C GLU B 248 -11.66 -12.51 -4.46
N VAL B 249 -11.59 -13.82 -4.64
CA VAL B 249 -11.37 -14.38 -5.97
C VAL B 249 -12.13 -15.67 -6.21
N ARG B 250 -12.63 -15.84 -7.45
CA ARG B 250 -13.40 -17.05 -7.85
C ARG B 250 -12.98 -17.40 -9.27
N ALA B 251 -13.40 -18.55 -9.77
CA ALA B 251 -13.13 -18.89 -11.15
C ALA B 251 -13.88 -17.96 -12.10
N ASN B 252 -13.24 -17.65 -13.24
CA ASN B 252 -13.78 -16.71 -14.21
C ASN B 252 -14.77 -17.43 -15.12
N ALA B 253 -15.90 -16.78 -15.37
CA ALA B 253 -16.91 -17.20 -16.35
C ALA B 253 -16.32 -17.68 -17.67
N CYS B 254 -15.31 -16.96 -18.16
CA CYS B 254 -14.70 -17.21 -19.48
C CYS B 254 -14.03 -18.59 -19.61
N LEU B 255 -13.00 -18.86 -18.80
CA LEU B 255 -12.35 -20.18 -18.82
C LEU B 255 -13.36 -21.31 -18.52
N VAL B 256 -14.25 -21.09 -17.56
CA VAL B 256 -15.15 -22.16 -17.16
C VAL B 256 -16.07 -22.50 -18.31
N SER B 257 -16.51 -21.47 -19.05
CA SER B 257 -17.50 -21.66 -20.11
C SER B 257 -16.86 -22.38 -21.32
N TYR B 258 -15.65 -22.01 -21.65
CA TYR B 258 -14.96 -22.73 -22.73
C TYR B 258 -14.90 -24.19 -22.37
N ASN B 260 -16.57 -25.96 -20.15
CA ASN B 260 -17.87 -26.62 -20.07
C ASN B 260 -18.29 -27.07 -21.47
N GLY B 261 -18.13 -26.15 -22.44
CA GLY B 261 -18.46 -26.44 -23.84
C GLY B 261 -17.72 -27.68 -24.34
N TYR B 262 -16.45 -27.76 -23.98
CA TYR B 262 -15.62 -28.88 -24.33
C TYR B 262 -15.77 -30.13 -23.46
N ASN B 263 -16.69 -30.14 -22.51
CA ASN B 263 -16.81 -31.27 -21.60
CA ASN B 263 -16.80 -31.24 -21.54
C ASN B 263 -15.42 -31.65 -21.04
N ASP B 264 -14.65 -30.65 -20.62
CA ASP B 264 -13.22 -30.83 -20.42
C ASP B 264 -12.98 -31.55 -19.11
N PRO B 265 -12.33 -32.72 -19.14
CA PRO B 265 -12.13 -33.46 -17.88
C PRO B 265 -11.12 -32.86 -16.90
N ARG B 266 -10.43 -31.79 -17.29
CA ARG B 266 -9.65 -31.03 -16.34
C ARG B 266 -10.47 -30.20 -15.38
N ARG B 267 -11.76 -30.02 -15.65
CA ARG B 267 -12.56 -29.13 -14.76
C ARG B 267 -12.46 -29.49 -13.26
N PRO B 268 -12.68 -30.76 -12.90
CA PRO B 268 -12.58 -31.10 -11.47
C PRO B 268 -11.19 -30.97 -10.86
N ALA B 269 -10.13 -30.89 -11.70
CA ALA B 269 -8.77 -30.58 -11.22
C ALA B 269 -8.48 -29.07 -11.16
N TYR B 270 -9.36 -28.27 -11.79
CA TYR B 270 -9.17 -26.84 -11.92
C TYR B 270 -10.08 -26.02 -10.99
N PHE B 271 -11.31 -26.49 -10.77
CA PHE B 271 -12.35 -25.73 -10.09
C PHE B 271 -13.11 -26.55 -9.12
N THR B 272 -13.82 -25.89 -8.21
CA THR B 272 -14.83 -26.61 -7.41
C THR B 272 -16.20 -26.38 -8.08
N PRO B 273 -17.12 -27.33 -7.91
CA PRO B 273 -18.49 -27.08 -8.36
C PRO B 273 -19.16 -25.96 -7.57
N GLN B 274 -20.01 -25.18 -8.23
CA GLN B 274 -20.85 -24.19 -7.54
C GLN B 274 -21.79 -24.88 -6.53
N THR B 275 -21.99 -24.25 -5.37
CA THR B 275 -22.89 -24.76 -4.32
C THR B 275 -24.06 -23.78 -4.03
N GLN B 276 -24.22 -22.76 -4.87
CA GLN B 276 -25.33 -21.81 -4.73
C GLN B 276 -26.68 -22.50 -4.96
N THR B 277 -26.74 -23.39 -5.94
CA THR B 277 -27.93 -24.25 -6.19
C THR B 277 -27.54 -25.75 -6.11
N ALA B 278 -28.54 -26.63 -6.05
CA ALA B 278 -28.31 -28.06 -5.92
C ALA B 278 -27.84 -28.71 -7.25
N ALA B 279 -28.02 -27.98 -8.35
CA ALA B 279 -27.64 -28.41 -9.70
C ALA B 279 -26.16 -28.76 -9.83
N GLY B 280 -25.32 -28.12 -9.02
CA GLY B 280 -23.89 -28.39 -9.08
C GLY B 280 -23.31 -27.91 -10.41
N GLY B 281 -22.31 -28.65 -10.90
CA GLY B 281 -21.62 -28.22 -12.11
C GLY B 281 -20.71 -27.00 -11.87
N TYR B 282 -20.07 -26.56 -12.95
CA TYR B 282 -19.10 -25.50 -12.86
C TYR B 282 -19.67 -24.21 -13.40
N VAL B 283 -19.63 -23.16 -12.59
CA VAL B 283 -20.10 -21.83 -13.01
C VAL B 283 -19.14 -20.78 -12.48
N GLY B 284 -18.49 -20.08 -13.40
CA GLY B 284 -17.61 -18.99 -13.07
C GLY B 284 -18.36 -17.68 -12.84
N VAL B 285 -17.62 -16.64 -12.47
CA VAL B 285 -18.16 -15.31 -12.22
C VAL B 285 -17.75 -14.39 -13.38
N ARG B 286 -18.71 -13.63 -13.88
CA ARG B 286 -18.36 -12.70 -14.94
C ARG B 286 -17.51 -11.56 -14.36
N SER B 287 -16.29 -11.41 -14.87
CA SER B 287 -15.46 -10.25 -14.55
C SER B 287 -16.02 -8.96 -15.20
N GLY B 288 -16.13 -7.92 -14.41
CA GLY B 288 -16.78 -6.70 -14.85
C GLY B 288 -18.26 -6.90 -15.08
N SER B 289 -18.89 -7.41 -14.03
CA SER B 289 -20.29 -7.79 -14.06
C SER B 289 -21.29 -6.60 -14.21
N ALA B 290 -22.52 -6.90 -14.59
CA ALA B 290 -23.54 -5.86 -14.83
C ALA B 290 -23.79 -5.06 -13.54
N GLU B 291 -23.70 -5.77 -12.42
CA GLU B 291 -23.85 -5.22 -11.09
C GLU B 291 -22.47 -5.13 -10.43
N ILE B 292 -22.32 -4.14 -9.55
CA ILE B 292 -21.07 -4.00 -8.76
C ILE B 292 -20.72 -5.34 -8.11
N PRO B 293 -19.47 -5.84 -8.29
CA PRO B 293 -19.13 -7.14 -7.74
C PRO B 293 -19.12 -7.11 -6.19
N GLU B 294 -19.75 -8.10 -5.57
CA GLU B 294 -19.79 -8.23 -4.11
C GLU B 294 -19.33 -9.61 -3.70
N PRO B 295 -18.40 -9.70 -2.75
CA PRO B 295 -17.86 -11.02 -2.33
C PRO B 295 -18.94 -12.01 -1.92
N THR B 296 -19.93 -11.57 -1.14
CA THR B 296 -20.92 -12.49 -0.56
C THR B 296 -21.87 -13.02 -1.65
N VAL B 297 -22.13 -12.19 -2.67
CA VAL B 297 -22.95 -12.59 -3.79
C VAL B 297 -22.36 -13.80 -4.51
N TYR B 298 -21.02 -13.84 -4.65
CA TYR B 298 -20.38 -14.84 -5.43
C TYR B 298 -19.65 -15.89 -4.60
N ALA B 299 -19.98 -15.95 -3.30
CA ALA B 299 -19.24 -16.82 -2.39
C ALA B 299 -19.33 -18.30 -2.79
N ASN B 300 -20.49 -18.72 -3.31
CA ASN B 300 -20.77 -20.10 -3.65
C ASN B 300 -20.64 -20.48 -5.12
N TYR B 301 -20.10 -19.58 -5.93
CA TYR B 301 -19.78 -19.91 -7.34
C TYR B 301 -18.50 -20.72 -7.34
N SER B 302 -18.10 -21.17 -8.52
CA SER B 302 -16.94 -22.04 -8.62
C SER B 302 -15.65 -21.35 -8.13
N LYS B 303 -14.89 -22.08 -7.32
CA LYS B 303 -13.63 -21.60 -6.77
C LYS B 303 -12.45 -22.20 -7.52
N LEU B 304 -11.30 -21.56 -7.40
CA LEU B 304 -10.05 -22.13 -7.90
C LEU B 304 -9.69 -23.38 -7.06
N PHE B 305 -9.40 -24.49 -7.72
CA PHE B 305 -9.06 -25.73 -7.00
C PHE B 305 -7.84 -25.54 -6.07
N ILE B 306 -6.85 -24.77 -6.51
CA ILE B 306 -5.63 -24.54 -5.68
C ILE B 306 -5.97 -23.90 -4.32
N ALA B 307 -7.10 -23.18 -4.24
CA ALA B 307 -7.50 -22.54 -3.01
C ALA B 307 -8.06 -23.54 -1.99
N THR B 308 -8.39 -24.74 -2.44
CA THR B 308 -9.03 -25.73 -1.58
C THR B 308 -8.05 -26.52 -0.69
N ASP B 309 -6.76 -26.47 -0.99
CA ASP B 309 -5.75 -27.11 -0.18
C ASP B 309 -4.60 -26.12 -0.06
N LYS B 310 -4.48 -25.49 1.11
CA LYS B 310 -3.47 -24.43 1.25
C LYS B 310 -2.05 -24.92 1.02
N THR B 311 -1.79 -26.20 1.26
CA THR B 311 -0.43 -26.73 1.08
C THR B 311 -0.01 -26.83 -0.41
N LEU B 312 -0.93 -26.69 -1.35
CA LEU B 312 -0.58 -26.84 -2.76
C LEU B 312 0.36 -25.73 -3.13
N PRO B 313 1.43 -26.07 -3.85
CA PRO B 313 2.41 -25.05 -4.31
C PRO B 313 1.94 -24.26 -5.53
N GLN B 314 2.17 -22.95 -5.49
CA GLN B 314 1.80 -22.12 -6.64
C GLN B 314 2.74 -22.40 -7.83
N PRO B 315 2.17 -22.58 -9.02
CA PRO B 315 2.91 -22.85 -10.21
C PRO B 315 3.61 -21.64 -10.77
N VAL B 316 4.71 -21.91 -11.46
CA VAL B 316 5.46 -20.88 -12.15
C VAL B 316 5.38 -21.07 -13.68
N TYR B 318 4.82 -24.30 -16.75
CA TYR B 318 4.57 -25.73 -17.06
C TYR B 318 5.26 -26.21 -18.33
N ALA B 319 5.72 -27.48 -18.34
CA ALA B 319 6.21 -28.12 -19.55
C ALA B 319 5.27 -27.90 -20.73
N ALA B 320 3.96 -27.93 -20.51
CA ALA B 320 3.01 -27.74 -21.61
C ALA B 320 3.25 -26.43 -22.36
N GLU B 321 3.61 -25.38 -21.63
CA GLU B 321 3.85 -24.10 -22.27
C GLU B 321 4.92 -24.18 -23.38
N ALA B 322 6.01 -24.94 -23.14
CA ALA B 322 7.11 -25.03 -24.10
C ALA B 322 6.58 -25.70 -25.38
N ALA B 323 5.62 -26.61 -25.23
CA ALA B 323 5.05 -27.28 -26.39
C ALA B 323 4.19 -26.32 -27.19
N PHE B 324 3.30 -25.59 -26.51
CA PHE B 324 2.44 -24.64 -27.26
C PHE B 324 3.22 -23.46 -27.86
N LEU B 325 4.28 -23.03 -27.21
CA LEU B 325 5.12 -21.98 -27.75
C LEU B 325 5.71 -22.48 -29.08
N ARG B 326 6.23 -23.69 -29.08
CA ARG B 326 6.79 -24.28 -30.29
C ARG B 326 5.73 -24.50 -31.38
N ALA B 327 4.49 -24.83 -30.98
CA ALA B 327 3.42 -25.01 -31.93
C ALA B 327 3.18 -23.70 -32.63
N GLU B 328 3.11 -22.62 -31.86
CA GLU B 328 2.89 -21.31 -32.49
C GLU B 328 4.04 -20.90 -33.41
N GLY B 329 5.27 -21.13 -32.96
CA GLY B 329 6.45 -20.88 -33.77
C GLY B 329 6.34 -21.64 -35.09
N ALA B 330 5.90 -22.90 -35.03
CA ALA B 330 5.79 -23.71 -36.24
C ALA B 330 4.76 -23.10 -37.19
N LEU B 331 3.66 -22.55 -36.66
CA LEU B 331 2.63 -21.91 -37.51
C LEU B 331 3.18 -20.66 -38.21
N LYS B 332 4.17 -20.02 -37.55
CA LYS B 332 4.83 -18.85 -38.11
C LYS B 332 5.83 -19.21 -39.21
N GLY B 333 6.10 -20.49 -39.40
CA GLY B 333 7.07 -20.91 -40.40
C GLY B 333 8.43 -21.17 -39.82
N TRP B 334 8.55 -21.01 -38.50
CA TRP B 334 9.83 -21.18 -37.87
C TRP B 334 10.17 -22.67 -37.75
N ASN B 335 11.43 -22.93 -37.46
CA ASN B 335 11.92 -24.29 -37.31
C ASN B 335 12.10 -24.58 -35.84
N GLY B 337 11.72 -27.71 -34.29
CA GLY B 337 11.92 -29.12 -33.93
C GLY B 337 10.71 -30.02 -34.17
N GLY B 338 9.72 -29.52 -34.92
CA GLY B 338 8.52 -30.31 -35.24
C GLY B 338 7.37 -29.41 -35.63
N ASP B 339 6.24 -29.99 -36.04
CA ASP B 339 5.18 -29.19 -36.62
C ASP B 339 4.14 -28.76 -35.62
N ALA B 340 3.21 -27.92 -36.05
CA ALA B 340 2.24 -27.33 -35.15
C ALA B 340 1.34 -28.39 -34.52
N LYS B 341 0.84 -29.34 -35.32
CA LYS B 341 -0.05 -30.35 -34.79
C LYS B 341 0.63 -31.18 -33.73
N THR B 342 1.87 -31.60 -34.00
CA THR B 342 2.60 -32.45 -33.07
C THR B 342 2.78 -31.75 -31.74
N PHE B 343 3.17 -30.48 -31.78
CA PHE B 343 3.35 -29.70 -30.58
C PHE B 343 2.06 -29.35 -29.83
N TYR B 344 1.01 -29.06 -30.57
CA TYR B 344 -0.34 -28.90 -30.01
C TYR B 344 -0.75 -30.15 -29.22
N GLU B 345 -0.69 -31.31 -29.86
CA GLU B 345 -1.09 -32.54 -29.18
C GLU B 345 -0.20 -32.86 -27.98
N LYS B 346 1.10 -32.67 -28.14
CA LYS B 346 2.00 -32.77 -27.01
C LYS B 346 1.63 -31.85 -25.85
N GLY B 347 1.31 -30.60 -26.14
CA GLY B 347 0.91 -29.67 -25.10
C GLY B 347 -0.33 -30.09 -24.35
N VAL B 348 -1.33 -30.56 -25.10
CA VAL B 348 -2.61 -30.96 -24.49
C VAL B 348 -2.33 -32.19 -23.61
N ARG B 349 -1.58 -33.15 -24.12
CA ARG B 349 -1.24 -34.32 -23.30
C ARG B 349 -0.44 -33.98 -22.04
N LEU B 350 0.54 -33.09 -22.15
CA LEU B 350 1.34 -32.67 -20.98
C LEU B 350 0.44 -31.99 -19.94
N SER B 351 -0.54 -31.24 -20.41
CA SER B 351 -1.45 -30.52 -19.52
C SER B 351 -2.31 -31.52 -18.73
N PHE B 352 -2.88 -32.49 -19.42
CA PHE B 352 -3.64 -33.56 -18.74
C PHE B 352 -2.75 -34.29 -17.74
N GLU B 353 -1.56 -34.67 -18.19
CA GLU B 353 -0.60 -35.40 -17.33
C GLU B 353 -0.24 -34.57 -16.07
N GLU B 354 0.05 -33.29 -16.28
CA GLU B 354 0.45 -32.36 -15.22
C GLU B 354 -0.59 -32.36 -14.09
N PHE B 355 -1.87 -32.42 -14.45
CA PHE B 355 -2.98 -32.35 -13.49
C PHE B 355 -3.54 -33.71 -13.13
N GLY B 356 -2.93 -34.77 -13.64
CA GLY B 356 -3.29 -36.14 -13.31
C GLY B 356 -4.66 -36.56 -13.83
N VAL B 357 -5.00 -36.05 -15.01
CA VAL B 357 -6.31 -36.23 -15.63
C VAL B 357 -6.18 -37.18 -16.83
N SER B 358 -7.11 -38.15 -16.91
CA SER B 358 -7.20 -39.09 -18.00
C SER B 358 -8.04 -38.56 -19.15
N GLY B 359 -7.85 -39.15 -20.32
CA GLY B 359 -8.76 -38.88 -21.46
C GLY B 359 -8.22 -37.96 -22.53
N ALA B 360 -6.91 -37.72 -22.56
CA ALA B 360 -6.35 -36.82 -23.57
C ALA B 360 -6.66 -37.31 -25.00
N ASP B 361 -6.60 -38.62 -25.21
CA ASP B 361 -6.87 -39.22 -26.51
C ASP B 361 -8.25 -38.86 -27.02
N ASP B 362 -9.28 -39.12 -26.23
CA ASP B 362 -10.62 -38.83 -26.67
C ASP B 362 -10.80 -37.33 -26.83
N TYR B 363 -10.18 -36.57 -25.93
CA TYR B 363 -10.30 -35.11 -26.01
C TYR B 363 -9.72 -34.61 -27.35
N LEU B 364 -8.53 -35.08 -27.72
CA LEU B 364 -7.89 -34.65 -28.96
C LEU B 364 -8.62 -35.11 -30.25
N ALA B 365 -9.53 -36.08 -30.11
CA ALA B 365 -10.34 -36.61 -31.21
C ALA B 365 -11.67 -35.90 -31.36
N ASP B 366 -11.92 -34.93 -30.50
CA ASP B 366 -13.22 -34.26 -30.48
C ASP B 366 -13.26 -33.14 -31.50
N ALA B 367 -13.96 -33.42 -32.60
CA ALA B 367 -14.10 -32.50 -33.74
C ALA B 367 -15.37 -31.65 -33.68
N THR B 368 -16.17 -31.82 -32.63
CA THR B 368 -17.54 -31.28 -32.67
C THR B 368 -17.89 -30.35 -31.49
N SER B 369 -17.31 -30.54 -30.31
CA SER B 369 -17.67 -29.70 -29.16
C SER B 369 -17.19 -28.27 -29.40
N ILE B 370 -18.03 -27.32 -29.04
CA ILE B 370 -17.67 -25.94 -29.18
C ILE B 370 -17.64 -25.20 -27.84
N PRO B 371 -16.87 -24.11 -27.75
CA PRO B 371 -16.82 -23.33 -26.50
C PRO B 371 -18.18 -22.94 -26.00
N GLY B 372 -18.38 -23.01 -24.70
CA GLY B 372 -19.72 -22.80 -24.14
C GLY B 372 -20.05 -21.32 -24.01
N ASN B 373 -21.35 -21.01 -24.06
CA ASN B 373 -21.83 -19.66 -23.75
C ASN B 373 -21.98 -19.56 -22.24
N TYR B 374 -21.90 -18.34 -21.71
CA TYR B 374 -22.01 -18.15 -20.27
C TYR B 374 -23.41 -17.71 -19.86
N VAL B 375 -24.03 -18.42 -18.91
CA VAL B 375 -25.27 -17.98 -18.27
C VAL B 375 -25.07 -17.90 -16.74
N ASP B 376 -25.57 -16.79 -16.18
CA ASP B 376 -25.55 -16.55 -14.75
C ASP B 376 -27.00 -16.61 -14.22
N ASN B 377 -27.44 -17.82 -13.87
CA ASN B 377 -28.80 -18.10 -13.36
C ASN B 377 -28.82 -18.39 -11.87
N LEU B 378 -27.67 -18.46 -11.21
CA LEU B 378 -27.63 -18.93 -9.83
C LEU B 378 -28.24 -17.93 -8.84
N ILE B 379 -28.08 -16.64 -9.09
CA ILE B 379 -28.62 -15.56 -8.25
C ILE B 379 -29.60 -14.80 -9.18
N ALA B 380 -30.73 -14.35 -8.61
CA ALA B 380 -31.76 -13.67 -9.43
C ALA B 380 -31.22 -12.34 -9.93
N GLY B 381 -31.65 -11.92 -11.13
CA GLY B 381 -31.26 -10.61 -11.66
C GLY B 381 -29.83 -10.49 -12.21
N HIS B 382 -29.23 -11.63 -12.55
CA HIS B 382 -27.87 -11.70 -13.08
C HIS B 382 -27.78 -12.00 -14.58
N THR B 383 -28.89 -12.07 -15.30
CA THR B 383 -28.78 -12.46 -16.71
C THR B 383 -28.06 -11.38 -17.53
N GLY B 384 -27.91 -10.17 -17.00
CA GLY B 384 -27.06 -9.13 -17.61
C GLY B 384 -25.60 -9.53 -17.72
N ASN B 385 -25.24 -10.58 -16.99
CA ASN B 385 -23.88 -11.11 -17.07
C ASN B 385 -23.73 -12.16 -18.16
N ASN B 386 -24.82 -12.61 -18.76
CA ASN B 386 -24.74 -13.70 -19.75
C ASN B 386 -23.89 -13.24 -20.93
N TYR B 387 -23.17 -14.16 -21.53
CA TYR B 387 -22.28 -13.81 -22.63
C TYR B 387 -22.21 -14.92 -23.68
N THR B 388 -22.45 -14.57 -24.93
CA THR B 388 -22.31 -15.50 -26.06
C THR B 388 -20.85 -15.58 -26.47
N ASN B 389 -20.32 -16.78 -26.43
CA ASN B 389 -18.95 -17.02 -26.78
C ASN B 389 -18.69 -16.63 -28.22
N GLN B 390 -17.65 -15.84 -28.45
CA GLN B 390 -17.29 -15.39 -29.77
CA GLN B 390 -17.32 -15.41 -29.79
C GLN B 390 -16.38 -16.41 -30.49
N SER B 391 -15.95 -17.43 -29.75
CA SER B 391 -15.15 -18.54 -30.34
C SER B 391 -16.03 -19.74 -30.68
N SER B 392 -15.81 -20.35 -31.84
CA SER B 392 -16.40 -21.62 -32.12
C SER B 392 -15.32 -22.67 -32.40
N ILE B 393 -14.11 -22.47 -31.86
CA ILE B 393 -12.99 -23.33 -32.21
C ILE B 393 -13.14 -24.74 -31.56
N THR B 394 -13.03 -25.78 -32.39
CA THR B 394 -13.10 -27.16 -31.96
C THR B 394 -11.71 -27.66 -31.62
N ILE B 395 -11.65 -28.76 -30.87
CA ILE B 395 -10.36 -29.26 -30.36
C ILE B 395 -9.50 -29.97 -31.40
N LYS B 396 -10.10 -30.93 -32.11
CA LYS B 396 -9.32 -31.82 -32.96
C LYS B 396 -8.60 -30.99 -34.03
N TRP B 397 -7.31 -31.26 -34.20
CA TRP B 397 -6.55 -30.54 -35.19
C TRP B 397 -7.11 -30.77 -36.55
N GLU B 398 -7.20 -29.69 -37.35
CA GLU B 398 -7.67 -29.77 -38.72
CA GLU B 398 -7.67 -29.75 -38.71
C GLU B 398 -6.56 -29.23 -39.62
N ASP B 399 -6.02 -30.08 -40.48
CA ASP B 399 -4.94 -29.68 -41.38
C ASP B 399 -5.43 -28.64 -42.42
N GLY B 400 -6.72 -28.68 -42.74
CA GLY B 400 -7.28 -27.82 -43.78
C GLY B 400 -7.82 -26.47 -43.28
N ALA B 401 -7.67 -26.21 -41.99
CA ALA B 401 -8.23 -25.00 -41.41
C ALA B 401 -7.40 -23.82 -41.88
N ASP B 402 -8.00 -22.64 -41.93
CA ASP B 402 -7.19 -21.46 -42.26
CA ASP B 402 -7.30 -21.38 -42.18
C ASP B 402 -6.20 -21.13 -41.14
N ASP B 403 -5.18 -20.38 -41.51
CA ASP B 403 -4.11 -20.08 -40.56
C ASP B 403 -4.59 -19.43 -39.26
N ALA B 404 -5.58 -18.57 -39.32
CA ALA B 404 -6.16 -17.94 -38.12
C ALA B 404 -6.80 -18.96 -37.21
N LYS B 405 -7.50 -19.94 -37.77
CA LYS B 405 -8.13 -20.97 -36.95
C LYS B 405 -7.08 -21.91 -36.31
N LYS B 406 -6.03 -22.26 -37.04
CA LYS B 406 -4.93 -23.04 -36.48
C LYS B 406 -4.30 -22.32 -35.29
N LEU B 407 -4.12 -21.01 -35.39
CA LEU B 407 -3.54 -20.20 -34.32
C LEU B 407 -4.50 -20.13 -33.16
N GLU B 408 -5.79 -19.93 -33.45
CA GLU B 408 -6.79 -19.87 -32.37
C GLU B 408 -6.83 -21.21 -31.65
N ARG B 409 -6.72 -22.30 -32.38
CA ARG B 409 -6.65 -23.61 -31.75
CA ARG B 409 -6.69 -23.59 -31.75
C ARG B 409 -5.47 -23.70 -30.79
N VAL B 410 -4.27 -23.38 -31.27
CA VAL B 410 -3.06 -23.47 -30.45
C VAL B 410 -3.22 -22.61 -29.18
N LEU B 411 -3.61 -21.34 -29.36
CA LEU B 411 -3.62 -20.38 -28.25
C LEU B 411 -4.75 -20.64 -27.24
N THR B 412 -5.87 -21.20 -27.69
CA THR B 412 -6.96 -21.55 -26.80
C THR B 412 -6.56 -22.72 -25.89
N GLN B 413 -5.99 -23.77 -26.45
CA GLN B 413 -5.60 -24.91 -25.64
C GLN B 413 -4.39 -24.52 -24.76
N LYS B 414 -3.51 -23.67 -25.28
CA LYS B 414 -2.40 -23.14 -24.48
C LYS B 414 -2.95 -22.41 -23.25
N TRP B 415 -3.98 -21.61 -23.46
CA TRP B 415 -4.54 -20.78 -22.41
C TRP B 415 -5.21 -21.67 -21.35
N ILE B 416 -5.86 -22.72 -21.79
CA ILE B 416 -6.47 -23.66 -20.89
C ILE B 416 -5.38 -24.38 -20.09
N ALA B 417 -4.33 -24.82 -20.78
CA ALA B 417 -3.19 -25.51 -20.13
C ALA B 417 -2.45 -24.66 -19.10
N CYS B 418 -2.17 -23.42 -19.41
CA CYS B 418 -1.32 -22.56 -18.54
C CYS B 418 -2.22 -21.93 -17.49
N TYR B 419 -2.50 -22.72 -16.45
CA TYR B 419 -3.54 -22.37 -15.49
C TYR B 419 -3.07 -22.77 -14.10
N PRO B 420 -3.28 -21.89 -13.11
CA PRO B 420 -3.65 -20.50 -13.25
C PRO B 420 -2.40 -19.67 -13.58
N ASP B 421 -2.51 -18.82 -14.58
CA ASP B 421 -1.41 -18.01 -15.03
C ASP B 421 -2.03 -16.58 -15.19
N PRO B 422 -1.49 -15.59 -14.46
CA PRO B 422 -2.13 -14.30 -14.50
C PRO B 422 -1.97 -13.53 -15.80
N ASN B 424 -0.69 -14.96 -19.18
CA ASN B 424 -0.65 -15.61 -20.48
C ASN B 424 -1.80 -15.20 -21.37
N GLY B 425 -3.02 -15.30 -20.84
CA GLY B 425 -4.23 -15.01 -21.64
C GLY B 425 -4.27 -13.59 -22.12
N TRP B 426 -4.03 -12.66 -21.21
CA TRP B 426 -4.03 -11.23 -21.58
C TRP B 426 -2.92 -10.84 -22.57
N ALA B 427 -1.73 -11.37 -22.35
CA ALA B 427 -0.63 -11.12 -23.25
C ALA B 427 -0.94 -11.66 -24.66
N ASP B 428 -1.35 -12.92 -24.74
CA ASP B 428 -1.64 -13.51 -26.03
C ASP B 428 -2.80 -12.79 -26.70
N PHE B 429 -3.84 -12.41 -25.96
CA PHE B 429 -4.96 -11.69 -26.55
C PHE B 429 -4.49 -10.36 -27.12
N ARG B 430 -3.70 -9.65 -26.33
CA ARG B 430 -3.23 -8.35 -26.78
C ARG B 430 -2.33 -8.46 -28.01
N ARG B 431 -1.58 -9.55 -28.12
CA ARG B 431 -0.69 -9.80 -29.23
C ARG B 431 -1.39 -10.34 -30.47
N THR B 432 -2.44 -11.15 -30.29
CA THR B 432 -2.99 -11.89 -31.41
C THR B 432 -4.48 -11.84 -31.62
N GLY B 433 -5.22 -11.42 -30.60
CA GLY B 433 -6.68 -11.56 -30.59
C GLY B 433 -7.22 -12.86 -30.03
N TYR B 434 -6.32 -13.80 -29.73
CA TYR B 434 -6.70 -15.09 -29.12
C TYR B 434 -5.93 -15.34 -27.83
N PRO B 435 -6.51 -16.11 -26.88
CA PRO B 435 -7.91 -16.54 -26.84
C PRO B 435 -8.87 -15.34 -26.72
N ARG B 436 -10.12 -15.53 -27.12
CA ARG B 436 -11.15 -14.49 -27.07
C ARG B 436 -11.73 -14.34 -25.63
N ILE B 437 -10.96 -13.67 -24.80
CA ILE B 437 -11.24 -13.44 -23.40
CA ILE B 437 -11.31 -13.52 -23.41
C ILE B 437 -12.49 -12.56 -23.27
N PHE B 438 -13.46 -12.95 -22.45
CA PHE B 438 -14.69 -12.16 -22.26
C PHE B 438 -14.36 -10.78 -21.71
N PRO B 439 -14.84 -9.72 -22.34
CA PRO B 439 -14.54 -8.40 -21.78
C PRO B 439 -15.51 -8.06 -20.69
N ALA B 440 -15.27 -6.93 -20.01
CA ALA B 440 -16.25 -6.40 -19.05
C ALA B 440 -17.56 -6.14 -19.76
N THR B 441 -18.66 -6.06 -19.02
CA THR B 441 -19.97 -5.68 -19.59
C THR B 441 -19.97 -4.20 -20.01
N GLU B 442 -19.11 -3.38 -19.41
CA GLU B 442 -18.92 -2.02 -19.83
C GLU B 442 -17.55 -1.54 -19.45
N SER B 443 -17.07 -0.50 -20.13
CA SER B 443 -15.84 0.17 -19.77
C SER B 443 -16.14 1.42 -18.96
N ASN B 445 -13.68 3.47 -18.43
CA ASN B 445 -12.57 4.34 -18.83
C ASN B 445 -12.71 4.76 -20.29
N ALA B 446 -12.69 6.07 -20.49
CA ALA B 446 -12.96 6.67 -21.79
C ALA B 446 -11.95 6.23 -22.87
N ASP B 447 -10.76 5.79 -22.47
CA ASP B 447 -9.70 5.39 -23.42
C ASP B 447 -9.69 3.87 -23.73
N CYS B 448 -10.59 3.10 -23.11
CA CYS B 448 -10.68 1.66 -23.31
C CYS B 448 -12.07 1.26 -23.73
N ASN B 449 -12.15 0.34 -24.68
CA ASN B 449 -13.43 -0.22 -25.10
C ASN B 449 -13.52 -1.70 -24.77
N THR B 450 -14.72 -2.26 -24.82
CA THR B 450 -14.84 -3.69 -24.47
C THR B 450 -14.30 -4.61 -25.60
N GLY B 451 -14.20 -4.11 -26.82
CA GLY B 451 -13.66 -4.92 -27.91
C GLY B 451 -12.21 -5.34 -27.70
N ARG B 452 -11.41 -4.41 -27.15
CA ARG B 452 -9.98 -4.64 -26.95
C ARG B 452 -9.52 -4.65 -25.52
N GLY B 453 -10.35 -4.09 -24.64
CA GLY B 453 -10.10 -4.15 -23.20
C GLY B 453 -9.00 -3.21 -22.78
N GLN B 454 -8.56 -3.39 -21.53
CA GLN B 454 -7.47 -2.56 -21.04
C GLN B 454 -6.20 -3.04 -21.74
N ARG B 455 -5.34 -2.12 -22.13
CA ARG B 455 -4.18 -2.46 -22.97
C ARG B 455 -2.84 -2.47 -22.21
N ARG B 456 -2.80 -1.81 -21.05
CA ARG B 456 -1.60 -1.75 -20.23
C ARG B 456 -1.93 -1.16 -18.87
N LEU B 457 -1.00 -1.30 -17.94
CA LEU B 457 -1.07 -0.52 -16.70
CA LEU B 457 -1.05 -0.53 -16.69
C LEU B 457 -0.31 0.79 -16.90
N ARG B 458 -0.63 1.78 -16.08
CA ARG B 458 0.05 3.07 -16.17
C ARG B 458 1.28 3.17 -15.29
N PHE B 459 2.12 4.16 -15.58
CA PHE B 459 3.25 4.44 -14.70
C PHE B 459 2.74 4.92 -13.34
N THR B 460 3.55 4.75 -12.29
CA THR B 460 3.09 4.92 -10.91
C THR B 460 3.16 6.34 -10.34
N ARG B 461 2.31 6.65 -9.36
CA ARG B 461 2.38 7.97 -8.68
C ARG B 461 3.76 8.20 -8.02
N SER B 462 4.36 7.15 -7.44
CA SER B 462 5.68 7.33 -6.81
CA SER B 462 5.68 7.29 -6.82
C SER B 462 6.71 7.76 -7.84
N GLU B 463 6.60 7.28 -9.08
CA GLU B 463 7.55 7.67 -10.14
C GLU B 463 7.32 9.10 -10.62
N TYR B 464 6.07 9.50 -10.79
CA TYR B 464 5.78 10.90 -11.10
C TYR B 464 6.28 11.83 -9.96
N ASN B 465 6.22 11.34 -8.73
CA ASN B 465 6.65 12.15 -7.59
C ASN B 465 8.15 12.26 -7.40
N ASN B 466 8.85 11.12 -7.53
CA ASN B 466 10.26 11.03 -7.17
C ASN B 466 11.21 10.85 -8.35
N ASN B 467 10.65 10.56 -9.53
CA ASN B 467 11.44 10.35 -10.73
C ASN B 467 10.78 11.11 -11.87
N LYS B 468 10.42 12.37 -11.64
CA LYS B 468 9.46 13.05 -12.53
C LYS B 468 10.01 13.26 -13.96
N ALA B 469 11.21 13.82 -14.08
CA ALA B 469 11.77 14.06 -15.42
C ALA B 469 11.83 12.77 -16.24
N ASN B 470 12.32 11.69 -15.62
CA ASN B 470 12.47 10.44 -16.33
C ASN B 470 11.13 9.79 -16.74
N VAL B 471 10.12 9.87 -15.88
CA VAL B 471 8.80 9.29 -16.19
CA VAL B 471 8.87 9.22 -16.24
C VAL B 471 8.16 10.08 -17.30
N GLU B 472 8.32 11.39 -17.24
CA GLU B 472 7.74 12.25 -18.30
C GLU B 472 8.34 11.90 -19.64
N ALA B 473 9.65 11.69 -19.66
CA ALA B 473 10.35 11.21 -20.85
C ALA B 473 9.80 9.86 -21.33
N ALA B 474 9.52 8.96 -20.38
CA ALA B 474 9.00 7.63 -20.71
C ALA B 474 7.61 7.70 -21.36
N VAL B 475 6.79 8.66 -20.97
CA VAL B 475 5.49 8.84 -21.57
C VAL B 475 5.65 8.99 -23.10
N SER B 476 6.67 9.72 -23.54
CA SER B 476 6.93 9.93 -24.96
CA SER B 476 6.86 9.93 -24.97
C SER B 476 7.38 8.69 -25.67
N LEU B 478 5.92 5.77 -25.26
CA LEU B 478 4.72 4.99 -25.47
C LEU B 478 4.20 5.18 -26.91
N SER B 479 3.58 4.14 -27.42
CA SER B 479 3.07 4.10 -28.79
C SER B 479 2.34 5.34 -29.25
N ASN B 480 1.48 5.89 -28.41
CA ASN B 480 0.67 7.06 -28.72
C ASN B 480 0.98 8.24 -27.79
N GLY B 481 2.06 8.15 -27.03
CA GLY B 481 2.54 9.31 -26.24
C GLY B 481 1.62 9.73 -25.10
N LYS B 482 0.81 8.78 -24.62
CA LYS B 482 -0.11 9.02 -23.50
CA LYS B 482 -0.14 9.01 -23.51
C LYS B 482 -0.03 7.89 -22.48
N ASP B 483 0.17 8.25 -21.21
CA ASP B 483 0.19 7.28 -20.14
C ASP B 483 -1.26 6.93 -19.76
N SER B 484 -1.86 6.07 -20.58
CA SER B 484 -3.26 5.65 -20.50
C SER B 484 -3.40 4.13 -20.37
N ASN B 485 -4.48 3.72 -19.72
CA ASN B 485 -4.86 2.29 -19.65
C ASN B 485 -5.12 1.73 -21.06
N GLY B 486 -5.48 2.60 -22.01
CA GLY B 486 -5.87 2.20 -23.36
C GLY B 486 -4.76 2.21 -24.39
N THR B 487 -3.57 2.62 -23.97
CA THR B 487 -2.43 2.78 -24.89
C THR B 487 -1.74 1.41 -25.10
N ASP B 488 -1.43 1.08 -26.35
CA ASP B 488 -0.82 -0.21 -26.61
C ASP B 488 0.66 -0.23 -26.32
N LEU B 489 1.10 -1.42 -25.90
CA LEU B 489 2.49 -1.71 -25.71
C LEU B 489 3.14 -2.02 -27.05
N TRP B 490 4.48 -1.99 -27.02
CA TRP B 490 5.31 -2.07 -28.24
C TRP B 490 5.04 -3.37 -29.03
N TRP B 491 4.86 -4.49 -28.33
CA TRP B 491 4.69 -5.82 -28.93
C TRP B 491 3.21 -6.19 -29.18
N ALA B 492 2.30 -5.36 -28.70
CA ALA B 492 0.90 -5.67 -28.80
C ALA B 492 0.40 -5.27 -30.21
N LYS B 494 -1.85 -3.43 -32.59
CA LYS B 494 -2.48 -2.10 -32.52
C LYS B 494 -3.88 -2.15 -33.13
N GLU B 495 -4.59 -1.02 -33.04
CA GLU B 495 -5.98 -0.95 -33.52
C GLU B 495 -6.14 -1.36 -34.97
N ASN B 496 -5.20 -0.94 -35.80
CA ASN B 496 -5.27 -1.28 -37.23
C ASN B 496 -4.69 -2.66 -37.58
N GLY B 497 -4.39 -3.51 -36.60
CA GLY B 497 -3.95 -4.87 -36.89
C GLY B 497 -2.47 -5.04 -37.13
N THR B 498 -1.72 -3.94 -37.17
CA THR B 498 -0.26 -3.95 -37.29
C THR B 498 0.39 -3.95 -35.90
N TYR B 499 1.72 -3.98 -35.87
CA TYR B 499 2.49 -3.92 -34.62
C TYR B 499 3.35 -2.66 -34.61
#